data_5IQ1
#
_entry.id   5IQ1
#
_cell.length_a   72.773
_cell.length_b   60.903
_cell.length_c   104.655
_cell.angle_alpha   90.00
_cell.angle_beta   93.71
_cell.angle_gamma   90.00
#
_symmetry.space_group_name_H-M   'P 1 21 1'
#
loop_
_entity.id
_entity.type
_entity.pdbx_description
1 polymer 'Flavin-containing monooxygenase'
2 non-polymer 'NADP NICOTINAMIDE-ADENINE-DINUCLEOTIDE PHOSPHATE'
3 non-polymer 'FLAVIN-ADENINE DINUCLEOTIDE'
4 water water
#
_entity_poly.entity_id   1
_entity_poly.type   'polypeptide(L)'
_entity_poly.pdbx_seq_one_letter_code
;MTKRVAVIGAGPSGLAQLRAFQSAADQGAEIPEIVCFEKQANWGGLWNYTWRTGLDENGEPVHCSMYRYLWSNGPKEGLE
FADYSFEEHFGKQIASYPPRAVLFDYIEGRVHKADVRKWIRFNSPVRWVSYDAETAKFTVTAHNHETDSTYSAAFDHVIC
ASGHFSTPNVPFYEGFDTFNGRIVHAHDFRDAREFEGKDVLVMGASSSAEDIGSQCWKYGAKSITSCYRSAPMGYAWPDN
WEEKPALEKLTGKTAHFADGSTRDVDAIILCTGYKHFFSFLPDDLRLKTANRLATADLYKGVAYVHNPAMFYLGMQDQWF
TFNMFDAQAWWVRDAILGRITLPKDKAAMLADVAERETREEASDDVKYAIRYQADYVKELVAETDYPSFDIDGACDAFFE
WKKHKAKDIMAFRDNSYKSVITGTMAPVHHTPWKEALDDSMEAYLQNHHHHHH
;
_entity_poly.pdbx_strand_id   A,B
#
loop_
_chem_comp.id
_chem_comp.type
_chem_comp.name
_chem_comp.formula
FAD non-polymer 'FLAVIN-ADENINE DINUCLEOTIDE' 'C27 H33 N9 O15 P2'
NAP non-polymer 'NADP NICOTINAMIDE-ADENINE-DINUCLEOTIDE PHOSPHATE' 'C21 H28 N7 O17 P3'
#
# COMPACT_ATOMS: atom_id res chain seq x y z
N THR A 2 19.97 -21.08 23.91
CA THR A 2 18.75 -21.86 23.76
C THR A 2 18.19 -21.64 22.36
N LYS A 3 17.29 -22.53 21.96
CA LYS A 3 16.60 -22.39 20.67
C LYS A 3 15.72 -21.14 20.69
N ARG A 4 15.39 -20.63 19.50
CA ARG A 4 14.60 -19.41 19.40
C ARG A 4 13.56 -19.56 18.31
N VAL A 5 12.38 -18.99 18.56
CA VAL A 5 11.27 -19.05 17.63
C VAL A 5 10.86 -17.64 17.25
N ALA A 6 10.69 -17.39 15.95
CA ALA A 6 10.16 -16.11 15.49
C ALA A 6 8.71 -16.29 15.11
N VAL A 7 7.83 -15.47 15.69
CA VAL A 7 6.43 -15.44 15.30
C VAL A 7 6.17 -14.16 14.52
N ILE A 8 5.66 -14.30 13.29
CA ILE A 8 5.35 -13.11 12.46
C ILE A 8 3.86 -12.80 12.56
N GLY A 9 3.54 -11.70 13.26
CA GLY A 9 2.16 -11.27 13.42
C GLY A 9 1.68 -11.42 14.85
N ALA A 10 0.98 -10.40 15.34
CA ALA A 10 0.42 -10.40 16.67
C ALA A 10 -1.10 -10.22 16.59
N GLY A 11 -1.71 -10.85 15.59
CA GLY A 11 -3.15 -10.93 15.50
C GLY A 11 -3.59 -12.12 16.35
N PRO A 12 -4.87 -12.47 16.28
CA PRO A 12 -5.42 -13.60 17.04
C PRO A 12 -4.55 -14.87 16.97
N SER A 13 -4.03 -15.19 15.78
CA SER A 13 -3.19 -16.38 15.59
C SER A 13 -1.83 -16.28 16.30
N GLY A 14 -1.09 -15.21 16.03
CA GLY A 14 0.19 -15.04 16.69
C GLY A 14 0.05 -14.92 18.20
N LEU A 15 -1.01 -14.22 18.63
CA LEU A 15 -1.28 -14.10 20.05
C LEU A 15 -1.59 -15.47 20.65
N ALA A 16 -2.31 -16.30 19.90
CA ALA A 16 -2.58 -17.67 20.33
C ALA A 16 -1.26 -18.42 20.49
N GLN A 17 -0.33 -18.20 19.56
CA GLN A 17 0.96 -18.87 19.61
C GLN A 17 1.73 -18.51 20.87
N LEU A 18 1.69 -17.23 21.25
CA LEU A 18 2.41 -16.78 22.44
C LEU A 18 1.77 -17.39 23.68
N ARG A 19 0.44 -17.33 23.71
CA ARG A 19 -0.32 -17.92 24.80
C ARG A 19 0.01 -19.40 24.96
N ALA A 20 0.10 -20.12 23.84
CA ALA A 20 0.46 -21.54 23.91
C ALA A 20 1.80 -21.73 24.60
N PHE A 21 2.83 -21.00 24.17
CA PHE A 21 4.14 -21.19 24.76
C PHE A 21 4.16 -20.83 26.25
N GLN A 22 3.46 -19.75 26.61
CA GLN A 22 3.47 -19.33 28.00
C GLN A 22 2.76 -20.38 28.85
N SER A 23 1.71 -20.97 28.31
CA SER A 23 0.98 -22.02 29.03
C SER A 23 1.89 -23.20 29.33
N ALA A 24 2.72 -23.57 28.36
CA ALA A 24 3.63 -24.69 28.53
C ALA A 24 4.75 -24.35 29.52
N ALA A 25 5.29 -23.14 29.40
CA ALA A 25 6.30 -22.68 30.36
C ALA A 25 5.83 -22.77 31.81
N ASP A 26 4.56 -22.40 32.04
CA ASP A 26 4.02 -22.40 33.40
C ASP A 26 3.95 -23.83 33.96
N GLN A 27 3.84 -24.81 33.08
CA GLN A 27 3.79 -26.22 33.50
C GLN A 27 5.15 -26.77 33.85
N GLY A 28 6.19 -25.99 33.58
CA GLY A 28 7.55 -26.40 33.89
C GLY A 28 8.32 -26.91 32.69
N ALA A 29 7.70 -26.86 31.51
CA ALA A 29 8.42 -27.22 30.31
C ALA A 29 9.40 -26.09 29.96
N GLU A 30 10.60 -26.47 29.53
CA GLU A 30 11.51 -25.45 29.01
C GLU A 30 10.97 -25.03 27.65
N ILE A 31 10.90 -23.73 27.42
CA ILE A 31 10.48 -23.23 26.10
C ILE A 31 11.63 -22.47 25.45
N PRO A 32 11.66 -22.45 24.11
CA PRO A 32 12.66 -21.62 23.43
C PRO A 32 12.42 -20.15 23.69
N GLU A 33 13.36 -19.30 23.32
CA GLU A 33 13.10 -17.85 23.32
C GLU A 33 12.04 -17.60 22.27
N ILE A 34 11.12 -16.67 22.56
CA ILE A 34 10.07 -16.35 21.58
C ILE A 34 10.14 -14.86 21.25
N VAL A 35 10.19 -14.54 19.95
CA VAL A 35 10.20 -13.14 19.52
C VAL A 35 9.09 -12.98 18.51
N CYS A 36 8.17 -12.08 18.79
CA CYS A 36 7.04 -11.86 17.88
C CYS A 36 7.19 -10.51 17.20
N PHE A 37 7.22 -10.53 15.86
CA PHE A 37 7.37 -9.29 15.08
C PHE A 37 6.01 -8.82 14.59
N GLU A 38 5.67 -7.57 14.87
CA GLU A 38 4.37 -7.05 14.48
C GLU A 38 4.54 -5.71 13.79
N LYS A 39 3.96 -5.58 12.60
CA LYS A 39 4.10 -4.38 11.77
C LYS A 39 3.38 -3.16 12.38
N GLN A 40 2.22 -3.40 12.97
CA GLN A 40 1.38 -2.34 13.55
C GLN A 40 1.93 -1.90 14.91
N ALA A 41 1.38 -0.81 15.44
CA ALA A 41 1.83 -0.26 16.72
C ALA A 41 1.25 -1.01 17.92
N ASN A 42 0.27 -1.86 17.66
CA ASN A 42 -0.38 -2.64 18.71
C ASN A 42 -0.81 -4.00 18.18
N TRP A 43 -1.19 -4.89 19.10
CA TRP A 43 -1.63 -6.24 18.75
C TRP A 43 -3.11 -6.21 18.36
N GLY A 44 -3.60 -7.34 17.89
CA GLY A 44 -5.01 -7.44 17.54
C GLY A 44 -5.24 -7.84 16.10
N GLY A 45 -4.23 -7.66 15.26
CA GLY A 45 -4.35 -8.05 13.86
C GLY A 45 -5.46 -7.27 13.16
N LEU A 46 -6.32 -8.01 12.45
CA LEU A 46 -7.43 -7.39 11.75
C LEU A 46 -8.39 -6.68 12.69
N TRP A 47 -8.32 -6.98 13.99
CA TRP A 47 -9.28 -6.42 14.95
C TRP A 47 -8.91 -5.02 15.41
N ASN A 48 -7.75 -4.56 14.98
CA ASN A 48 -7.43 -3.14 15.08
C ASN A 48 -8.34 -2.40 14.14
N TYR A 49 -8.63 -1.16 14.49
CA TYR A 49 -9.24 -0.31 13.50
C TYR A 49 -8.26 0.82 13.26
N THR A 50 -8.13 1.22 12.01
CA THR A 50 -7.49 2.49 11.71
C THR A 50 -8.26 3.17 10.62
N TRP A 51 -8.32 4.49 10.70
CA TRP A 51 -8.99 5.31 9.69
C TRP A 51 -8.15 5.31 8.42
N ARG A 52 -6.88 4.96 8.55
CA ARG A 52 -5.96 4.99 7.41
C ARG A 52 -6.27 3.88 6.43
N THR A 53 -6.07 4.15 5.14
CA THR A 53 -6.17 3.14 4.09
C THR A 53 -4.91 3.25 3.22
N GLY A 54 -4.62 2.21 2.43
CA GLY A 54 -3.47 2.24 1.54
C GLY A 54 -2.18 1.90 2.27
N LEU A 55 -1.40 2.93 2.61
CA LEU A 55 -0.17 2.74 3.37
C LEU A 55 -0.31 3.42 4.72
N ASP A 56 0.30 2.84 5.75
CA ASP A 56 0.20 3.42 7.09
C ASP A 56 1.15 4.60 7.31
N GLU A 57 1.18 5.14 8.54
CA GLU A 57 2.01 6.30 8.84
C GLU A 57 3.49 6.02 8.57
N ASN A 58 3.88 4.77 8.70
CA ASN A 58 5.27 4.36 8.47
C ASN A 58 5.58 4.09 7.00
N GLY A 59 4.54 4.04 6.17
CA GLY A 59 4.70 3.79 4.75
C GLY A 59 4.53 2.31 4.39
N GLU A 60 4.08 1.50 5.35
CA GLU A 60 3.84 0.08 5.09
C GLU A 60 2.39 -0.13 4.69
N PRO A 61 2.11 -1.16 3.88
CA PRO A 61 0.72 -1.43 3.50
C PRO A 61 -0.16 -1.55 4.74
N VAL A 62 -1.30 -0.87 4.72
CA VAL A 62 -2.23 -0.95 5.84
C VAL A 62 -2.80 -2.37 5.95
N HIS A 63 -2.71 -2.96 7.13
CA HIS A 63 -3.21 -4.32 7.32
C HIS A 63 -4.71 -4.33 7.49
N CYS A 64 -5.21 -3.35 8.22
CA CYS A 64 -6.61 -3.32 8.61
C CYS A 64 -7.57 -3.41 7.43
N SER A 65 -8.53 -4.35 7.50
CA SER A 65 -9.62 -4.41 6.53
C SER A 65 -10.97 -4.12 7.17
N MET A 66 -11.00 -3.89 8.47
CA MET A 66 -12.29 -3.68 9.14
C MET A 66 -12.75 -2.23 8.97
N TYR A 67 -14.06 -2.02 9.14
CA TYR A 67 -14.67 -0.71 8.94
C TYR A 67 -15.42 -0.28 10.18
N ARG A 68 -15.86 0.97 10.20
CA ARG A 68 -16.69 1.45 11.28
C ARG A 68 -18.03 0.70 11.31
N TYR A 69 -18.56 0.47 12.51
CA TYR A 69 -19.87 -0.16 12.69
C TYR A 69 -19.84 -1.67 12.48
N LEU A 70 -18.65 -2.23 12.34
CA LEU A 70 -18.53 -3.66 12.13
C LEU A 70 -18.85 -4.43 13.41
N TRP A 71 -19.68 -5.46 13.27
CA TRP A 71 -19.99 -6.38 14.36
C TRP A 71 -19.59 -7.80 13.97
N SER A 72 -19.34 -8.63 14.99
CA SER A 72 -19.18 -10.06 14.83
C SER A 72 -20.21 -10.54 13.80
N ASN A 73 -19.77 -11.29 12.79
CA ASN A 73 -20.70 -11.78 11.79
C ASN A 73 -21.09 -13.24 12.00
N GLY A 74 -20.53 -13.85 13.04
CA GLY A 74 -20.92 -15.19 13.42
C GLY A 74 -21.22 -15.20 14.91
N PRO A 75 -21.83 -16.30 15.39
CA PRO A 75 -22.08 -16.41 16.83
C PRO A 75 -20.79 -16.44 17.64
N LYS A 76 -20.71 -15.59 18.67
CA LYS A 76 -19.53 -15.55 19.52
C LYS A 76 -19.32 -16.92 20.16
N GLU A 77 -20.41 -17.65 20.35
CA GLU A 77 -20.34 -18.96 20.99
C GLU A 77 -19.48 -19.94 20.19
N GLY A 78 -19.31 -19.65 18.90
CA GLY A 78 -18.48 -20.47 18.04
C GLY A 78 -17.01 -20.10 18.01
N LEU A 79 -16.61 -19.00 18.64
CA LEU A 79 -15.20 -18.58 18.65
C LEU A 79 -14.56 -18.40 20.04
N GLU A 80 -15.27 -18.83 21.09
CA GLU A 80 -14.77 -18.68 22.45
C GLU A 80 -13.47 -19.45 22.65
N PHE A 81 -12.50 -18.82 23.31
CA PHE A 81 -11.27 -19.49 23.68
C PHE A 81 -11.63 -20.57 24.71
N ALA A 82 -11.13 -21.78 24.53
CA ALA A 82 -11.44 -22.85 25.49
C ALA A 82 -10.75 -22.62 26.83
N ASP A 83 -9.72 -21.77 26.84
CA ASP A 83 -8.95 -21.54 28.05
C ASP A 83 -9.21 -20.18 28.70
N TYR A 84 -10.17 -19.43 28.17
CA TYR A 84 -10.45 -18.08 28.64
C TYR A 84 -11.86 -17.69 28.21
N SER A 85 -12.83 -18.05 29.03
CA SER A 85 -14.23 -17.86 28.70
C SER A 85 -14.64 -16.39 28.63
N PHE A 86 -15.68 -16.10 27.85
CA PHE A 86 -16.28 -14.77 27.83
C PHE A 86 -16.68 -14.37 29.25
N GLU A 87 -17.20 -15.33 30.02
CA GLU A 87 -17.63 -15.05 31.39
C GLU A 87 -16.45 -14.59 32.25
N GLU A 88 -15.33 -15.31 32.16
CA GLU A 88 -14.15 -14.95 32.94
C GLU A 88 -13.70 -13.53 32.62
N HIS A 89 -13.81 -13.15 31.35
CA HIS A 89 -13.33 -11.84 30.91
C HIS A 89 -14.24 -10.68 31.30
N PHE A 90 -15.50 -10.75 30.87
CA PHE A 90 -16.40 -9.62 31.07
C PHE A 90 -17.13 -9.69 32.41
N GLY A 91 -17.01 -10.82 33.09
CA GLY A 91 -17.73 -11.04 34.33
C GLY A 91 -19.14 -11.54 34.11
N LYS A 92 -19.86 -10.91 33.19
CA LYS A 92 -21.26 -11.25 32.92
C LYS A 92 -21.43 -11.89 31.55
N GLN A 93 -22.69 -12.16 31.20
CA GLN A 93 -23.02 -12.73 29.90
C GLN A 93 -23.46 -11.64 28.93
N ILE A 94 -22.83 -11.58 27.77
CA ILE A 94 -23.17 -10.57 26.77
C ILE A 94 -23.87 -11.21 25.58
N ALA A 95 -24.32 -10.36 24.64
CA ALA A 95 -25.01 -10.84 23.45
C ALA A 95 -24.12 -11.75 22.62
N SER A 96 -24.64 -12.23 21.50
CA SER A 96 -23.95 -13.23 20.70
C SER A 96 -23.16 -12.63 19.53
N TYR A 97 -23.43 -11.36 19.22
CA TYR A 97 -22.73 -10.68 18.14
C TYR A 97 -22.14 -9.35 18.61
N PRO A 98 -21.06 -9.41 19.38
CA PRO A 98 -20.46 -8.18 19.92
C PRO A 98 -19.77 -7.37 18.81
N PRO A 99 -19.75 -6.04 18.94
CA PRO A 99 -19.10 -5.21 17.93
C PRO A 99 -17.59 -5.36 18.00
N ARG A 100 -16.88 -4.85 17.00
CA ARG A 100 -15.42 -4.92 16.90
C ARG A 100 -14.70 -4.63 18.23
N ALA A 101 -15.02 -3.49 18.85
CA ALA A 101 -14.28 -3.06 20.04
C ALA A 101 -14.38 -4.05 21.20
N VAL A 102 -15.52 -4.72 21.32
CA VAL A 102 -15.72 -5.71 22.37
C VAL A 102 -14.91 -6.99 22.16
N LEU A 103 -14.87 -7.49 20.94
CA LEU A 103 -14.08 -8.69 20.67
C LEU A 103 -12.61 -8.37 20.82
N PHE A 104 -12.21 -7.16 20.43
CA PHE A 104 -10.82 -6.77 20.60
C PHE A 104 -10.46 -6.78 22.08
N ASP A 105 -11.37 -6.27 22.90
CA ASP A 105 -11.13 -6.25 24.34
C ASP A 105 -10.95 -7.68 24.87
N TYR A 106 -11.77 -8.59 24.35
CA TYR A 106 -11.71 -10.01 24.71
C TYR A 106 -10.38 -10.64 24.31
N ILE A 107 -9.97 -10.42 23.07
CA ILE A 107 -8.71 -10.97 22.61
C ILE A 107 -7.57 -10.48 23.50
N GLU A 108 -7.63 -9.19 23.84
CA GLU A 108 -6.57 -8.50 24.56
C GLU A 108 -6.47 -8.99 25.98
N GLY A 109 -7.62 -9.28 26.56
CA GLY A 109 -7.68 -9.74 27.94
C GLY A 109 -6.87 -10.99 28.17
N ARG A 110 -6.93 -11.92 27.23
CA ARG A 110 -6.28 -13.19 27.43
C ARG A 110 -4.77 -13.02 27.45
N VAL A 111 -4.23 -12.26 26.49
CA VAL A 111 -2.79 -12.08 26.43
C VAL A 111 -2.28 -11.09 27.49
N HIS A 112 -3.16 -10.22 27.99
CA HIS A 112 -2.80 -9.40 29.15
C HIS A 112 -2.58 -10.32 30.33
N LYS A 113 -3.52 -11.24 30.54
CA LYS A 113 -3.37 -12.23 31.61
C LYS A 113 -2.11 -13.06 31.42
N ALA A 114 -1.81 -13.43 30.18
CA ALA A 114 -0.65 -14.27 29.91
C ALA A 114 0.71 -13.59 30.12
N ASP A 115 0.71 -12.26 30.19
CA ASP A 115 1.97 -11.52 30.33
C ASP A 115 2.95 -11.85 29.19
N VAL A 116 2.47 -11.81 27.95
CA VAL A 116 3.32 -12.15 26.80
C VAL A 116 3.64 -10.96 25.92
N ARG A 117 3.12 -9.79 26.27
CA ARG A 117 3.43 -8.59 25.51
C ARG A 117 4.95 -8.34 25.41
N LYS A 118 5.71 -8.76 26.42
CA LYS A 118 7.15 -8.50 26.44
C LYS A 118 7.91 -9.29 25.38
N TRP A 119 7.24 -10.23 24.74
CA TRP A 119 7.82 -11.01 23.65
C TRP A 119 7.63 -10.33 22.29
N ILE A 120 6.86 -9.25 22.26
CA ILE A 120 6.47 -8.62 21.01
C ILE A 120 7.24 -7.33 20.69
N ARG A 121 7.64 -7.23 19.44
CA ARG A 121 8.26 -6.03 18.92
C ARG A 121 7.28 -5.37 17.93
N PHE A 122 6.72 -4.24 18.31
CA PHE A 122 5.74 -3.55 17.50
C PHE A 122 6.45 -2.59 16.56
N ASN A 123 5.68 -2.08 15.60
CA ASN A 123 6.21 -1.24 14.53
C ASN A 123 7.44 -1.87 13.90
N SER A 124 7.40 -3.19 13.76
CA SER A 124 8.57 -3.93 13.28
C SER A 124 8.19 -4.92 12.18
N PRO A 125 7.82 -4.41 10.98
CA PRO A 125 7.52 -5.34 9.88
C PRO A 125 8.73 -6.21 9.55
N VAL A 126 8.46 -7.49 9.32
CA VAL A 126 9.49 -8.40 8.79
C VAL A 126 9.66 -8.11 7.30
N ARG A 127 10.91 -7.91 6.91
CA ARG A 127 11.31 -7.64 5.54
C ARG A 127 11.58 -8.91 4.75
N TRP A 128 12.18 -9.91 5.40
CA TRP A 128 12.62 -11.11 4.69
C TRP A 128 12.84 -12.28 5.64
N VAL A 129 12.66 -13.49 5.13
CA VAL A 129 13.07 -14.67 5.85
C VAL A 129 13.76 -15.59 4.88
N SER A 130 14.95 -16.05 5.23
CA SER A 130 15.60 -17.09 4.45
C SER A 130 16.06 -18.22 5.35
N TYR A 131 16.27 -19.39 4.77
CA TYR A 131 16.74 -20.53 5.54
C TYR A 131 18.06 -21.06 4.97
N ASP A 132 18.99 -21.39 5.86
CA ASP A 132 20.28 -21.95 5.46
C ASP A 132 20.37 -23.38 5.96
N ALA A 133 20.44 -24.33 5.03
CA ALA A 133 20.44 -25.74 5.37
C ALA A 133 21.72 -26.11 6.11
N GLU A 134 22.81 -25.45 5.77
CA GLU A 134 24.09 -25.68 6.42
C GLU A 134 24.03 -25.42 7.92
N THR A 135 23.49 -24.26 8.30
CA THR A 135 23.38 -23.89 9.72
C THR A 135 22.08 -24.37 10.36
N ALA A 136 21.12 -24.77 9.54
CA ALA A 136 19.77 -25.13 10.00
C ALA A 136 19.08 -23.99 10.72
N LYS A 137 19.34 -22.77 10.28
CA LYS A 137 18.71 -21.59 10.88
C LYS A 137 17.98 -20.78 9.84
N PHE A 138 16.86 -20.20 10.26
CA PHE A 138 16.24 -19.12 9.51
C PHE A 138 16.88 -17.78 9.88
N THR A 139 17.10 -16.93 8.88
CA THR A 139 17.50 -15.54 9.16
C THR A 139 16.29 -14.66 8.90
N VAL A 140 15.89 -13.94 9.94
CA VAL A 140 14.78 -13.02 9.84
C VAL A 140 15.32 -11.59 9.82
N THR A 141 14.95 -10.85 8.78
CA THR A 141 15.30 -9.45 8.65
C THR A 141 14.07 -8.62 8.93
N ALA A 142 14.18 -7.68 9.87
CA ALA A 142 13.04 -6.82 10.23
C ALA A 142 13.45 -5.35 10.32
N HIS A 143 12.48 -4.47 10.14
CA HIS A 143 12.76 -3.06 10.24
C HIS A 143 12.00 -2.48 11.41
N ASN A 144 12.73 -1.86 12.34
CA ASN A 144 12.14 -1.21 13.49
C ASN A 144 11.86 0.24 13.16
N HIS A 145 10.59 0.61 12.98
CA HIS A 145 10.25 1.99 12.59
C HIS A 145 10.44 2.99 13.75
N GLU A 146 10.56 2.48 14.96
CA GLU A 146 10.77 3.35 16.12
C GLU A 146 12.15 4.01 16.05
N THR A 147 13.13 3.26 15.54
CA THR A 147 14.51 3.73 15.47
C THR A 147 14.96 3.91 14.01
N ASP A 148 14.09 3.57 13.08
CA ASP A 148 14.42 3.57 11.65
C ASP A 148 15.66 2.73 11.39
N SER A 149 15.64 1.51 11.90
CA SER A 149 16.81 0.65 11.74
C SER A 149 16.39 -0.78 11.41
N THR A 150 17.00 -1.32 10.37
CA THR A 150 16.81 -2.72 9.97
C THR A 150 17.90 -3.59 10.62
N TYR A 151 17.53 -4.79 11.06
CA TYR A 151 18.49 -5.75 11.59
C TYR A 151 18.12 -7.16 11.18
N SER A 152 19.01 -8.11 11.43
CA SER A 152 18.77 -9.51 11.09
C SER A 152 19.14 -10.38 12.28
N ALA A 153 18.42 -11.49 12.44
CA ALA A 153 18.72 -12.44 13.51
C ALA A 153 18.33 -13.85 13.10
N ALA A 154 19.03 -14.82 13.70
CA ALA A 154 18.79 -16.23 13.42
C ALA A 154 17.77 -16.88 14.36
N PHE A 155 16.94 -17.76 13.78
CA PHE A 155 15.93 -18.49 14.52
C PHE A 155 15.87 -19.96 14.12
N ASP A 156 15.43 -20.82 15.03
CA ASP A 156 15.38 -22.24 14.74
C ASP A 156 14.08 -22.60 14.06
N HIS A 157 13.06 -21.82 14.34
CA HIS A 157 11.75 -21.97 13.73
C HIS A 157 11.18 -20.61 13.41
N VAL A 158 10.35 -20.56 12.38
CA VAL A 158 9.58 -19.39 12.06
C VAL A 158 8.12 -19.81 11.97
N ILE A 159 7.26 -19.05 12.61
CA ILE A 159 5.82 -19.32 12.54
C ILE A 159 5.16 -18.10 11.94
N CYS A 160 4.62 -18.26 10.73
CA CYS A 160 4.03 -17.14 10.00
C CYS A 160 2.55 -17.06 10.31
N ALA A 161 2.15 -15.93 10.89
CA ALA A 161 0.76 -15.71 11.26
C ALA A 161 0.37 -14.33 10.76
N SER A 162 0.67 -14.07 9.49
CA SER A 162 0.54 -12.73 8.92
C SER A 162 -0.80 -12.44 8.25
N GLY A 163 -1.73 -13.38 8.36
CA GLY A 163 -3.09 -13.18 7.85
C GLY A 163 -3.17 -13.37 6.34
N HIS A 164 -4.39 -13.51 5.82
CA HIS A 164 -4.60 -13.58 4.38
C HIS A 164 -5.83 -12.81 3.90
N PHE A 165 -6.26 -11.82 4.68
CA PHE A 165 -7.42 -11.02 4.32
C PHE A 165 -7.05 -9.53 4.30
N SER A 166 -5.83 -9.23 3.86
CA SER A 166 -5.32 -7.85 3.84
C SER A 166 -4.75 -7.36 2.51
N THR A 167 -4.34 -8.27 1.64
CA THR A 167 -3.88 -7.88 0.31
C THR A 167 -5.02 -8.13 -0.67
N PRO A 168 -5.63 -7.06 -1.20
CA PRO A 168 -6.89 -7.27 -1.92
C PRO A 168 -6.76 -7.84 -3.32
N ASN A 169 -7.78 -8.59 -3.72
CA ASN A 169 -7.96 -8.99 -5.11
C ASN A 169 -8.81 -7.89 -5.76
N VAL A 170 -8.20 -7.15 -6.69
CA VAL A 170 -8.84 -5.96 -7.24
C VAL A 170 -8.90 -6.09 -8.77
N PRO A 171 -10.03 -6.62 -9.27
CA PRO A 171 -10.10 -6.88 -10.71
C PRO A 171 -10.35 -5.60 -11.48
N PHE A 172 -9.93 -5.57 -12.74
CA PHE A 172 -10.32 -4.48 -13.63
C PHE A 172 -11.51 -4.87 -14.51
N TYR A 173 -12.51 -3.99 -14.59
CA TYR A 173 -13.62 -4.15 -15.52
C TYR A 173 -13.66 -2.93 -16.41
N GLU A 174 -14.05 -3.11 -17.67
CA GLU A 174 -14.15 -1.98 -18.59
C GLU A 174 -14.89 -0.84 -17.92
N GLY A 175 -14.36 0.38 -18.00
CA GLY A 175 -15.04 1.54 -17.46
C GLY A 175 -14.64 1.90 -16.04
N PHE A 176 -13.86 1.05 -15.39
CA PHE A 176 -13.45 1.35 -14.02
C PHE A 176 -12.61 2.63 -13.98
N ASP A 177 -11.86 2.87 -15.04
CA ASP A 177 -10.91 3.99 -15.05
C ASP A 177 -11.50 5.32 -15.49
N THR A 178 -12.76 5.31 -15.95
CA THR A 178 -13.40 6.53 -16.42
C THR A 178 -14.68 6.85 -15.63
N PHE A 179 -15.08 5.92 -14.78
CA PHE A 179 -16.26 6.06 -13.91
C PHE A 179 -16.17 7.34 -13.08
N ASN A 180 -17.18 8.20 -13.21
CA ASN A 180 -17.27 9.38 -12.37
C ASN A 180 -17.88 9.01 -11.05
N GLY A 181 -17.09 8.36 -10.20
CA GLY A 181 -17.55 7.97 -8.90
C GLY A 181 -16.52 7.18 -8.12
N ARG A 182 -16.80 7.01 -6.84
CA ARG A 182 -15.96 6.28 -5.92
C ARG A 182 -15.92 4.79 -6.30
N ILE A 183 -14.71 4.25 -6.45
CA ILE A 183 -14.50 2.82 -6.57
C ILE A 183 -13.49 2.43 -5.48
N VAL A 184 -13.91 1.58 -4.57
CA VAL A 184 -13.04 1.20 -3.47
C VAL A 184 -13.21 -0.27 -3.18
N HIS A 185 -12.10 -0.91 -2.83
CA HIS A 185 -12.16 -2.30 -2.42
C HIS A 185 -12.54 -2.39 -0.94
N ALA A 186 -13.20 -3.48 -0.57
CA ALA A 186 -13.63 -3.67 0.81
C ALA A 186 -12.47 -3.41 1.78
N HIS A 187 -11.25 -3.69 1.33
CA HIS A 187 -10.08 -3.52 2.18
C HIS A 187 -9.90 -2.08 2.67
N ASP A 188 -10.30 -1.13 1.81
CA ASP A 188 -10.12 0.30 2.08
C ASP A 188 -11.43 0.98 2.47
N PHE A 189 -12.51 0.20 2.55
CA PHE A 189 -13.80 0.72 2.99
C PHE A 189 -13.78 1.00 4.50
N ARG A 190 -14.22 2.19 4.92
CA ARG A 190 -14.13 2.56 6.33
C ARG A 190 -15.42 3.06 6.98
N ASP A 191 -16.22 3.83 6.23
CA ASP A 191 -17.36 4.52 6.83
C ASP A 191 -18.59 4.52 5.94
N ALA A 192 -19.58 3.70 6.30
CA ALA A 192 -20.79 3.55 5.50
C ALA A 192 -21.56 4.86 5.32
N ARG A 193 -21.36 5.81 6.22
CA ARG A 193 -22.07 7.08 6.11
C ARG A 193 -21.72 7.80 4.81
N GLU A 194 -20.58 7.44 4.22
CA GLU A 194 -20.15 8.09 2.99
C GLU A 194 -21.14 7.87 1.86
N PHE A 195 -21.88 6.78 1.91
CA PHE A 195 -22.75 6.41 0.80
C PHE A 195 -24.23 6.65 1.07
N GLU A 196 -24.52 7.34 2.17
CA GLU A 196 -25.88 7.74 2.47
C GLU A 196 -26.48 8.43 1.25
N GLY A 197 -27.72 8.09 0.92
CA GLY A 197 -28.41 8.69 -0.21
C GLY A 197 -27.82 8.39 -1.58
N LYS A 198 -26.94 7.42 -1.65
CA LYS A 198 -26.33 7.08 -2.94
C LYS A 198 -26.77 5.70 -3.44
N ASP A 199 -26.69 5.52 -4.74
CA ASP A 199 -26.91 4.23 -5.37
C ASP A 199 -25.59 3.48 -5.38
N VAL A 200 -25.50 2.40 -4.63
CA VAL A 200 -24.23 1.71 -4.48
C VAL A 200 -24.22 0.39 -5.22
N LEU A 201 -23.14 0.12 -5.94
CA LEU A 201 -22.96 -1.18 -6.56
C LEU A 201 -21.98 -1.98 -5.72
N VAL A 202 -22.37 -3.18 -5.32
CA VAL A 202 -21.53 -4.04 -4.49
C VAL A 202 -21.16 -5.26 -5.31
N MET A 203 -19.87 -5.39 -5.65
CA MET A 203 -19.45 -6.52 -6.46
C MET A 203 -18.98 -7.67 -5.57
N GLY A 204 -19.63 -8.82 -5.71
CA GLY A 204 -19.26 -10.00 -4.95
C GLY A 204 -20.46 -10.66 -4.30
N ALA A 205 -20.24 -11.84 -3.73
CA ALA A 205 -21.35 -12.66 -3.28
C ALA A 205 -20.97 -13.49 -2.06
N SER A 206 -20.05 -12.97 -1.27
CA SER A 206 -19.61 -13.65 -0.06
C SER A 206 -19.78 -12.75 1.15
N SER A 207 -19.05 -13.03 2.23
CA SER A 207 -19.20 -12.31 3.48
C SER A 207 -19.08 -10.79 3.38
N SER A 208 -18.07 -10.32 2.66
CA SER A 208 -17.87 -8.87 2.55
C SER A 208 -18.98 -8.18 1.78
N ALA A 209 -19.48 -8.83 0.72
CA ALA A 209 -20.60 -8.28 -0.02
C ALA A 209 -21.85 -8.22 0.86
N GLU A 210 -22.18 -9.32 1.53
CA GLU A 210 -23.30 -9.35 2.47
C GLU A 210 -23.23 -8.21 3.47
N ASP A 211 -22.11 -8.14 4.19
CA ASP A 211 -22.08 -7.21 5.32
C ASP A 211 -21.88 -5.75 4.94
N ILE A 212 -21.07 -5.47 3.91
CA ILE A 212 -20.86 -4.09 3.49
C ILE A 212 -22.12 -3.52 2.82
N GLY A 213 -22.77 -4.34 2.00
CA GLY A 213 -24.08 -3.97 1.48
C GLY A 213 -25.01 -3.65 2.63
N SER A 214 -24.96 -4.47 3.68
CA SER A 214 -25.81 -4.30 4.87
C SER A 214 -25.49 -3.01 5.63
N GLN A 215 -24.21 -2.70 5.78
CA GLN A 215 -23.82 -1.43 6.38
C GLN A 215 -24.34 -0.25 5.56
N CYS A 216 -24.15 -0.29 4.24
CA CYS A 216 -24.58 0.82 3.39
C CYS A 216 -26.09 1.01 3.48
N TRP A 217 -26.82 -0.11 3.53
CA TRP A 217 -28.27 -0.06 3.68
C TRP A 217 -28.65 0.54 5.03
N LYS A 218 -28.09 0.00 6.10
CA LYS A 218 -28.38 0.45 7.45
C LYS A 218 -28.10 1.94 7.66
N TYR A 219 -27.04 2.45 7.04
CA TYR A 219 -26.65 3.85 7.21
C TYR A 219 -27.16 4.75 6.08
N GLY A 220 -28.16 4.27 5.36
CA GLY A 220 -28.99 5.13 4.54
C GLY A 220 -28.70 5.25 3.05
N ALA A 221 -27.99 4.28 2.49
CA ALA A 221 -27.81 4.27 1.05
C ALA A 221 -29.16 4.30 0.35
N LYS A 222 -29.25 4.97 -0.80
CA LYS A 222 -30.51 5.06 -1.51
C LYS A 222 -30.93 3.69 -2.04
N SER A 223 -30.01 3.04 -2.73
CA SER A 223 -30.24 1.69 -3.22
C SER A 223 -28.93 0.92 -3.19
N ILE A 224 -29.05 -0.40 -3.11
CA ILE A 224 -27.92 -1.30 -3.19
C ILE A 224 -28.14 -2.21 -4.39
N THR A 225 -27.14 -2.35 -5.24
CA THR A 225 -27.17 -3.36 -6.29
C THR A 225 -25.95 -4.22 -6.09
N SER A 226 -26.15 -5.50 -5.84
CA SER A 226 -25.02 -6.40 -5.68
C SER A 226 -24.99 -7.32 -6.88
N CYS A 227 -23.80 -7.61 -7.39
CA CYS A 227 -23.71 -8.51 -8.53
C CYS A 227 -22.81 -9.69 -8.24
N TYR A 228 -23.22 -10.86 -8.71
CA TYR A 228 -22.46 -12.09 -8.57
C TYR A 228 -22.00 -12.56 -9.94
N ARG A 229 -21.04 -13.48 -9.96
CA ARG A 229 -20.56 -14.05 -11.22
C ARG A 229 -20.75 -15.56 -11.22
N SER A 230 -21.04 -16.12 -10.05
CA SER A 230 -21.27 -17.55 -9.92
C SER A 230 -22.66 -17.83 -9.34
N ALA A 231 -22.73 -17.95 -8.02
CA ALA A 231 -23.99 -18.21 -7.33
C ALA A 231 -24.43 -16.95 -6.59
N PRO A 232 -25.69 -16.57 -6.74
CA PRO A 232 -26.23 -15.41 -6.05
C PRO A 232 -26.19 -15.65 -4.54
N MET A 233 -26.13 -14.59 -3.74
CA MET A 233 -26.20 -14.75 -2.29
C MET A 233 -27.56 -15.35 -1.93
N GLY A 234 -28.60 -14.93 -2.64
CA GLY A 234 -29.89 -15.60 -2.61
C GLY A 234 -30.79 -15.28 -1.43
N TYR A 235 -30.38 -14.32 -0.59
CA TYR A 235 -31.18 -13.95 0.56
C TYR A 235 -32.38 -13.14 0.14
N ALA A 236 -33.39 -13.06 1.00
CA ALA A 236 -34.50 -12.16 0.76
C ALA A 236 -34.06 -10.76 1.16
N TRP A 237 -33.75 -9.92 0.18
CA TRP A 237 -33.19 -8.60 0.47
C TRP A 237 -34.28 -7.57 0.70
N PRO A 238 -33.91 -6.44 1.32
CA PRO A 238 -34.78 -5.25 1.45
C PRO A 238 -35.26 -4.74 0.09
N ASP A 239 -36.29 -3.90 0.12
CA ASP A 239 -36.92 -3.39 -1.08
C ASP A 239 -36.02 -2.56 -1.99
N ASN A 240 -34.99 -1.94 -1.41
CA ASN A 240 -34.09 -1.10 -2.21
C ASN A 240 -32.80 -1.81 -2.60
N TRP A 241 -32.74 -3.12 -2.39
CA TRP A 241 -31.56 -3.91 -2.71
C TRP A 241 -31.90 -4.91 -3.81
N GLU A 242 -31.09 -4.92 -4.87
CA GLU A 242 -31.27 -5.85 -5.99
C GLU A 242 -29.99 -6.62 -6.31
N GLU A 243 -30.14 -7.92 -6.56
CA GLU A 243 -29.01 -8.77 -6.93
C GLU A 243 -28.96 -9.05 -8.43
N LYS A 244 -27.84 -8.73 -9.07
CA LYS A 244 -27.69 -8.93 -10.50
C LYS A 244 -26.61 -9.97 -10.82
N PRO A 245 -26.68 -10.58 -12.01
CA PRO A 245 -25.59 -11.42 -12.53
C PRO A 245 -24.36 -10.61 -12.91
N ALA A 246 -23.39 -11.23 -13.58
CA ALA A 246 -22.06 -10.61 -13.76
C ALA A 246 -22.07 -9.18 -14.30
N LEU A 247 -21.11 -8.37 -13.84
CA LEU A 247 -20.89 -7.06 -14.44
C LEU A 247 -20.17 -7.28 -15.76
N GLU A 248 -20.61 -6.58 -16.81
CA GLU A 248 -19.91 -6.60 -18.09
C GLU A 248 -18.98 -5.41 -18.18
N LYS A 249 -19.51 -4.23 -17.86
CA LYS A 249 -18.79 -2.98 -18.08
C LYS A 249 -19.57 -1.83 -17.48
N LEU A 250 -18.90 -0.68 -17.37
CA LEU A 250 -19.57 0.57 -17.12
C LEU A 250 -19.41 1.44 -18.36
N THR A 251 -20.40 2.29 -18.59
CA THR A 251 -20.31 3.34 -19.60
C THR A 251 -20.81 4.59 -18.90
N GLY A 252 -19.91 5.55 -18.70
CA GLY A 252 -20.20 6.64 -17.79
C GLY A 252 -20.53 6.01 -16.45
N LYS A 253 -21.67 6.36 -15.89
CA LYS A 253 -22.10 5.80 -14.60
C LYS A 253 -23.10 4.65 -14.76
N THR A 254 -23.21 4.12 -15.97
CA THR A 254 -24.16 3.05 -16.24
C THR A 254 -23.51 1.67 -16.21
N ALA A 255 -23.94 0.85 -15.25
CA ALA A 255 -23.47 -0.52 -15.17
C ALA A 255 -24.30 -1.45 -16.06
N HIS A 256 -23.61 -2.22 -16.90
CA HIS A 256 -24.26 -3.21 -17.76
C HIS A 256 -24.03 -4.62 -17.23
N PHE A 257 -25.09 -5.38 -17.10
CA PHE A 257 -24.97 -6.70 -16.50
C PHE A 257 -25.14 -7.80 -17.53
N ALA A 258 -24.77 -9.01 -17.17
CA ALA A 258 -24.68 -10.11 -18.13
C ALA A 258 -26.02 -10.49 -18.73
N ASP A 259 -27.11 -10.12 -18.05
CA ASP A 259 -28.43 -10.45 -18.55
C ASP A 259 -28.97 -9.37 -19.48
N GLY A 260 -28.18 -8.31 -19.67
CA GLY A 260 -28.57 -7.23 -20.55
C GLY A 260 -29.23 -6.08 -19.82
N SER A 261 -29.47 -6.25 -18.52
CA SER A 261 -30.08 -5.21 -17.71
C SER A 261 -29.08 -4.09 -17.44
N THR A 262 -29.58 -2.93 -17.05
CA THR A 262 -28.75 -1.73 -16.89
C THR A 262 -29.10 -0.99 -15.61
N ARG A 263 -28.11 -0.29 -15.04
CA ARG A 263 -28.31 0.40 -13.77
C ARG A 263 -27.30 1.52 -13.57
N ASP A 264 -27.79 2.71 -13.24
CA ASP A 264 -26.91 3.84 -12.91
C ASP A 264 -26.51 3.79 -11.45
N VAL A 265 -25.21 3.81 -11.20
CA VAL A 265 -24.71 3.76 -9.83
C VAL A 265 -23.75 4.91 -9.54
N ASP A 266 -23.73 5.35 -8.29
CA ASP A 266 -22.92 6.48 -7.86
C ASP A 266 -21.54 6.04 -7.38
N ALA A 267 -21.48 4.82 -6.85
CA ALA A 267 -20.25 4.30 -6.28
C ALA A 267 -20.18 2.79 -6.46
N ILE A 268 -18.98 2.25 -6.37
CA ILE A 268 -18.75 0.81 -6.54
C ILE A 268 -17.83 0.31 -5.43
N ILE A 269 -18.30 -0.66 -4.66
CA ILE A 269 -17.46 -1.25 -3.63
C ILE A 269 -17.12 -2.68 -4.08
N LEU A 270 -15.82 -2.95 -4.27
CA LEU A 270 -15.38 -4.25 -4.77
C LEU A 270 -15.17 -5.20 -3.61
N CYS A 271 -16.12 -6.12 -3.40
CA CYS A 271 -16.02 -7.09 -2.32
C CYS A 271 -15.55 -8.43 -2.90
N THR A 272 -14.40 -8.35 -3.54
CA THR A 272 -13.89 -9.39 -4.43
C THR A 272 -12.79 -10.21 -3.77
N GLY A 273 -12.69 -10.09 -2.45
CA GLY A 273 -11.82 -10.98 -1.69
C GLY A 273 -10.37 -10.56 -1.73
N TYR A 274 -9.51 -11.46 -1.25
CA TYR A 274 -8.11 -11.17 -0.96
C TYR A 274 -7.23 -12.27 -1.51
N LYS A 275 -5.92 -12.06 -1.53
CA LYS A 275 -5.07 -13.19 -1.92
C LYS A 275 -4.14 -13.54 -0.80
N HIS A 276 -3.59 -14.76 -0.82
CA HIS A 276 -2.53 -15.08 0.10
C HIS A 276 -1.32 -14.42 -0.51
N PHE A 277 -0.69 -13.52 0.24
CA PHE A 277 0.44 -12.78 -0.31
C PHE A 277 1.46 -12.51 0.77
N PHE A 278 2.69 -12.93 0.51
CA PHE A 278 3.79 -12.76 1.45
C PHE A 278 4.92 -12.05 0.73
N SER A 279 5.03 -10.75 0.97
CA SER A 279 6.02 -9.93 0.30
C SER A 279 7.42 -10.24 0.83
N PHE A 280 7.52 -11.07 1.88
CA PHE A 280 8.77 -11.19 2.63
C PHE A 280 9.38 -12.61 2.59
N LEU A 281 8.93 -13.43 1.65
CA LEU A 281 9.41 -14.81 1.60
C LEU A 281 9.94 -15.23 0.24
N PRO A 282 11.04 -16.00 0.23
CA PRO A 282 11.57 -16.57 -1.00
C PRO A 282 10.75 -17.78 -1.46
N ASP A 283 11.00 -18.24 -2.69
CA ASP A 283 10.23 -19.31 -3.28
C ASP A 283 10.16 -20.55 -2.41
N ASP A 284 11.27 -20.88 -1.75
CA ASP A 284 11.37 -22.14 -1.02
C ASP A 284 10.69 -22.16 0.35
N LEU A 285 10.21 -21.00 0.79
CA LEU A 285 9.45 -20.93 2.04
C LEU A 285 8.04 -20.37 1.86
N ARG A 286 7.72 -19.89 0.66
CA ARG A 286 6.51 -19.10 0.46
C ARG A 286 5.27 -19.92 0.09
N LEU A 287 4.31 -19.95 1.02
CA LEU A 287 3.05 -20.64 0.83
C LEU A 287 2.28 -20.09 -0.36
N LYS A 288 1.90 -20.97 -1.26
CA LYS A 288 1.02 -20.63 -2.37
C LYS A 288 -0.22 -21.51 -2.26
N THR A 289 -1.38 -20.90 -2.14
CA THR A 289 -2.58 -21.68 -1.93
C THR A 289 -3.82 -20.89 -2.31
N ALA A 290 -4.88 -21.61 -2.64
CA ALA A 290 -6.23 -21.05 -2.71
C ALA A 290 -6.74 -20.79 -1.29
N ASN A 291 -7.76 -19.95 -1.18
CA ASN A 291 -8.43 -19.71 0.09
C ASN A 291 -9.52 -20.77 0.24
N ARG A 292 -9.32 -21.72 1.14
CA ARG A 292 -10.27 -22.86 1.24
C ARG A 292 -10.04 -23.56 2.57
N LEU A 293 -10.76 -24.64 2.83
CA LEU A 293 -10.64 -25.29 4.15
C LEU A 293 -9.44 -26.22 4.24
N ALA A 294 -8.96 -26.70 3.10
CA ALA A 294 -7.77 -27.54 3.07
C ALA A 294 -6.66 -26.79 2.35
N THR A 295 -5.74 -26.23 3.14
CA THR A 295 -4.72 -25.34 2.60
C THR A 295 -3.57 -26.10 1.97
N ALA A 296 -3.15 -25.64 0.80
CA ALA A 296 -2.10 -26.35 0.08
C ALA A 296 -0.81 -26.38 0.90
N ASP A 297 -0.08 -27.48 0.79
CA ASP A 297 1.32 -27.52 1.24
C ASP A 297 1.49 -27.34 2.76
N LEU A 298 0.41 -27.52 3.53
CA LEU A 298 0.52 -27.49 4.99
C LEU A 298 0.14 -28.81 5.66
N TYR A 299 1.14 -29.53 6.13
CA TYR A 299 0.89 -30.76 6.86
C TYR A 299 0.11 -30.44 8.11
N LYS A 300 -0.96 -31.19 8.35
CA LYS A 300 -1.85 -30.91 9.47
C LYS A 300 -2.38 -29.48 9.40
N GLY A 301 -2.34 -28.90 8.22
CA GLY A 301 -2.76 -27.52 8.05
C GLY A 301 -1.84 -26.48 8.68
N VAL A 302 -0.65 -26.87 9.10
CA VAL A 302 0.23 -25.94 9.78
C VAL A 302 1.72 -25.99 9.41
N ALA A 303 2.23 -27.16 9.07
CA ALA A 303 3.66 -27.33 8.88
C ALA A 303 4.03 -27.31 7.40
N TYR A 304 4.91 -26.39 7.00
CA TYR A 304 5.23 -26.23 5.58
C TYR A 304 5.93 -27.47 5.04
N VAL A 305 5.36 -28.11 4.02
CA VAL A 305 5.86 -29.42 3.59
C VAL A 305 7.31 -29.40 3.06
N HIS A 306 7.70 -28.27 2.48
CA HIS A 306 9.06 -28.18 1.95
C HIS A 306 10.12 -27.81 2.96
N ASN A 307 9.68 -27.41 4.15
CA ASN A 307 10.58 -27.10 5.26
C ASN A 307 9.73 -27.03 6.50
N PRO A 308 9.58 -28.16 7.19
CA PRO A 308 8.63 -28.28 8.30
C PRO A 308 9.12 -27.63 9.58
N ALA A 309 10.26 -26.93 9.53
CA ALA A 309 10.68 -26.09 10.64
C ALA A 309 9.96 -24.74 10.51
N MET A 310 9.36 -24.51 9.34
CA MET A 310 8.52 -23.34 9.12
C MET A 310 7.05 -23.70 9.26
N PHE A 311 6.29 -22.90 10.00
CA PHE A 311 4.87 -23.17 10.20
C PHE A 311 4.04 -21.96 9.77
N TYR A 312 2.76 -22.20 9.50
CA TYR A 312 1.81 -21.15 9.17
C TYR A 312 0.56 -21.36 10.01
N LEU A 313 0.03 -20.26 10.55
CA LEU A 313 -1.24 -20.28 11.28
C LEU A 313 -2.35 -19.51 10.54
N GLY A 314 -3.58 -20.00 10.68
CA GLY A 314 -4.76 -19.31 10.20
C GLY A 314 -4.86 -19.08 8.70
N MET A 315 -4.16 -19.88 7.91
CA MET A 315 -4.16 -19.68 6.48
C MET A 315 -5.37 -20.25 5.76
N GLN A 316 -6.14 -21.08 6.46
CA GLN A 316 -7.39 -21.62 5.95
C GLN A 316 -8.46 -20.52 5.86
N ASP A 317 -9.43 -20.72 4.97
CA ASP A 317 -10.67 -19.94 5.00
C ASP A 317 -11.35 -20.32 6.32
N GLN A 318 -12.23 -19.46 6.79
CA GLN A 318 -12.67 -19.55 8.19
C GLN A 318 -14.17 -19.63 8.41
N TRP A 319 -14.61 -20.74 8.98
CA TRP A 319 -15.93 -20.81 9.61
C TRP A 319 -15.61 -20.64 11.08
N PHE A 320 -14.85 -21.58 11.62
CA PHE A 320 -14.27 -21.43 12.94
C PHE A 320 -13.12 -20.45 12.84
N THR A 321 -12.79 -19.79 13.95
CA THR A 321 -11.69 -18.82 13.94
C THR A 321 -10.73 -18.79 15.12
N PHE A 322 -11.19 -18.21 16.23
CA PHE A 322 -10.34 -18.00 17.40
C PHE A 322 -9.85 -19.34 17.96
N ASN A 323 -10.77 -20.27 18.19
CA ASN A 323 -10.38 -21.55 18.79
C ASN A 323 -9.74 -22.52 17.81
N MET A 324 -9.96 -22.30 16.50
CA MET A 324 -9.16 -23.00 15.49
C MET A 324 -7.69 -22.53 15.53
N PHE A 325 -7.47 -21.22 15.59
CA PHE A 325 -6.11 -20.72 15.70
C PHE A 325 -5.45 -21.23 16.97
N ASP A 326 -6.21 -21.32 18.06
CA ASP A 326 -5.66 -21.90 19.27
C ASP A 326 -5.21 -23.34 19.03
N ALA A 327 -6.09 -24.13 18.42
CA ALA A 327 -5.80 -25.55 18.20
C ALA A 327 -4.50 -25.69 17.40
N GLN A 328 -4.36 -24.88 16.35
CA GLN A 328 -3.14 -24.86 15.57
C GLN A 328 -1.89 -24.45 16.36
N ALA A 329 -2.00 -23.38 17.13
CA ALA A 329 -0.88 -22.86 17.90
C ALA A 329 -0.39 -23.85 18.95
N TRP A 330 -1.32 -24.51 19.62
CA TRP A 330 -0.94 -25.56 20.56
C TRP A 330 -0.20 -26.68 19.82
N TRP A 331 -0.68 -27.01 18.64
CA TRP A 331 -0.11 -28.11 17.87
C TRP A 331 1.31 -27.76 17.40
N VAL A 332 1.45 -26.57 16.83
CA VAL A 332 2.75 -26.09 16.39
C VAL A 332 3.70 -26.01 17.59
N ARG A 333 3.21 -25.51 18.72
CA ARG A 333 4.05 -25.45 19.93
C ARG A 333 4.58 -26.85 20.25
N ASP A 334 3.68 -27.82 20.29
CA ASP A 334 4.07 -29.17 20.65
C ASP A 334 5.07 -29.78 19.68
N ALA A 335 4.92 -29.49 18.39
CA ALA A 335 5.90 -29.94 17.39
C ALA A 335 7.29 -29.38 17.66
N ILE A 336 7.34 -28.11 18.03
CA ILE A 336 8.59 -27.46 18.34
C ILE A 336 9.17 -27.99 19.66
N LEU A 337 8.31 -28.22 20.65
CA LEU A 337 8.79 -28.69 21.96
C LEU A 337 9.17 -30.16 21.98
N GLY A 338 8.82 -30.90 20.93
CA GLY A 338 9.11 -32.31 20.88
C GLY A 338 8.00 -33.20 21.43
N ARG A 339 6.87 -32.60 21.80
CA ARG A 339 5.71 -33.37 22.23
C ARG A 339 5.04 -34.05 21.04
N ILE A 340 5.32 -33.51 19.87
CA ILE A 340 4.86 -34.07 18.60
C ILE A 340 6.07 -34.22 17.70
N THR A 341 6.15 -35.35 16.99
CA THR A 341 7.25 -35.58 16.08
C THR A 341 6.69 -35.61 14.66
N LEU A 342 7.21 -34.74 13.80
CA LEU A 342 6.81 -34.69 12.41
C LEU A 342 7.40 -35.83 11.59
N PRO A 343 6.71 -36.25 10.51
CA PRO A 343 7.24 -37.24 9.57
C PRO A 343 8.56 -36.79 8.98
N LYS A 344 9.49 -37.72 8.79
CA LYS A 344 10.71 -37.41 8.04
C LYS A 344 10.50 -37.81 6.57
N ASP A 345 9.26 -38.13 6.24
CA ASP A 345 8.90 -38.57 4.89
C ASP A 345 8.02 -37.50 4.21
N LYS A 346 8.58 -36.74 3.27
CA LYS A 346 7.80 -35.65 2.65
C LYS A 346 6.54 -36.21 1.95
N ALA A 347 6.67 -37.40 1.37
CA ALA A 347 5.53 -38.04 0.71
C ALA A 347 4.34 -38.19 1.64
N ALA A 348 4.62 -38.55 2.89
CA ALA A 348 3.58 -38.71 3.89
C ALA A 348 2.92 -37.36 4.16
N MET A 349 3.74 -36.30 4.24
CA MET A 349 3.18 -34.97 4.48
C MET A 349 2.30 -34.51 3.32
N LEU A 350 2.76 -34.79 2.11
CA LEU A 350 1.98 -34.42 0.93
C LEU A 350 0.67 -35.21 0.83
N ALA A 351 0.70 -36.46 1.27
CA ALA A 351 -0.49 -37.30 1.22
C ALA A 351 -1.53 -36.79 2.22
N ASP A 352 -1.04 -36.27 3.34
CA ASP A 352 -1.94 -35.71 4.36
C ASP A 352 -2.73 -34.52 3.78
N VAL A 353 -2.03 -33.69 3.02
CA VAL A 353 -2.69 -32.55 2.40
C VAL A 353 -3.70 -33.02 1.34
N ALA A 354 -3.29 -33.96 0.50
CA ALA A 354 -4.14 -34.45 -0.57
C ALA A 354 -5.44 -35.04 -0.02
N GLU A 355 -5.34 -35.76 1.10
CA GLU A 355 -6.54 -36.31 1.74
C GLU A 355 -7.47 -35.19 2.20
N ARG A 356 -6.91 -34.16 2.81
CA ARG A 356 -7.69 -33.03 3.29
C ARG A 356 -8.43 -32.36 2.14
N GLU A 357 -7.74 -32.18 1.01
CA GLU A 357 -8.35 -31.56 -0.17
C GLU A 357 -9.49 -32.41 -0.73
N THR A 358 -9.24 -33.70 -0.89
CA THR A 358 -10.24 -34.61 -1.42
C THR A 358 -11.48 -34.62 -0.54
N ARG A 359 -11.27 -34.62 0.77
CA ARG A 359 -12.40 -34.68 1.67
C ARG A 359 -13.20 -33.39 1.68
N GLU A 360 -12.52 -32.25 1.53
CA GLU A 360 -13.23 -30.99 1.47
C GLU A 360 -14.12 -30.93 0.25
N GLU A 361 -13.64 -31.53 -0.84
CA GLU A 361 -14.26 -31.44 -2.15
C GLU A 361 -15.36 -32.49 -2.35
N ALA A 362 -15.49 -33.39 -1.38
CA ALA A 362 -16.44 -34.51 -1.50
C ALA A 362 -17.90 -34.05 -1.57
N SER A 363 -18.15 -32.83 -1.09
CA SER A 363 -19.50 -32.25 -1.09
C SER A 363 -19.42 -30.74 -1.06
N ASP A 364 -20.38 -30.07 -1.70
CA ASP A 364 -20.40 -28.61 -1.75
C ASP A 364 -21.42 -28.03 -0.78
N ASP A 365 -22.00 -28.89 0.04
CA ASP A 365 -22.99 -28.50 1.04
C ASP A 365 -22.36 -27.65 2.14
N VAL A 366 -23.03 -26.55 2.50
CA VAL A 366 -22.49 -25.63 3.50
C VAL A 366 -22.34 -26.27 4.88
N LYS A 367 -23.32 -27.07 5.30
CA LYS A 367 -23.22 -27.70 6.62
C LYS A 367 -22.09 -28.71 6.62
N TYR A 368 -21.85 -29.33 5.47
CA TYR A 368 -20.74 -30.27 5.33
C TYR A 368 -19.43 -29.51 5.53
N ALA A 369 -19.35 -28.32 4.96
CA ALA A 369 -18.13 -27.49 5.09
C ALA A 369 -17.88 -27.13 6.54
N ILE A 370 -18.94 -26.74 7.25
CA ILE A 370 -18.79 -26.34 8.65
C ILE A 370 -18.34 -27.54 9.48
N ARG A 371 -18.98 -28.68 9.28
CA ARG A 371 -18.59 -29.91 9.96
C ARG A 371 -17.15 -30.30 9.59
N TYR A 372 -16.74 -30.05 8.35
CA TYR A 372 -15.38 -30.38 7.94
C TYR A 372 -14.34 -29.64 8.79
N GLN A 373 -14.55 -28.35 8.98
CA GLN A 373 -13.61 -27.58 9.77
C GLN A 373 -13.72 -27.94 11.23
N ALA A 374 -14.93 -28.27 11.68
CA ALA A 374 -15.10 -28.71 13.06
C ALA A 374 -14.26 -29.95 13.24
N ASP A 375 -14.30 -30.84 12.25
CA ASP A 375 -13.54 -32.07 12.33
C ASP A 375 -12.05 -31.78 12.42
N TYR A 376 -11.62 -30.74 11.72
CA TYR A 376 -10.22 -30.32 11.75
C TYR A 376 -9.82 -29.83 13.14
N VAL A 377 -10.64 -28.99 13.75
CA VAL A 377 -10.35 -28.49 15.09
C VAL A 377 -10.32 -29.68 16.06
N LYS A 378 -11.28 -30.59 15.91
CA LYS A 378 -11.34 -31.78 16.76
C LYS A 378 -10.06 -32.59 16.63
N GLU A 379 -9.62 -32.78 15.40
CA GLU A 379 -8.38 -33.50 15.12
C GLU A 379 -7.18 -32.89 15.85
N LEU A 380 -7.01 -31.59 15.72
CA LEU A 380 -5.86 -30.93 16.35
C LEU A 380 -5.93 -30.95 17.87
N VAL A 381 -7.10 -30.67 18.40
CA VAL A 381 -7.25 -30.56 19.84
C VAL A 381 -7.02 -31.91 20.49
N ALA A 382 -7.33 -32.99 19.78
CA ALA A 382 -7.12 -34.32 20.36
C ALA A 382 -5.64 -34.62 20.53
N GLU A 383 -4.80 -33.84 19.85
CA GLU A 383 -3.38 -34.16 19.76
C GLU A 383 -2.47 -33.30 20.64
N THR A 384 -3.07 -32.41 21.45
CA THR A 384 -2.30 -31.61 22.41
C THR A 384 -3.07 -31.46 23.73
N ASP A 385 -2.48 -30.76 24.70
CA ASP A 385 -3.20 -30.48 25.95
C ASP A 385 -4.12 -29.25 25.91
N TYR A 386 -4.42 -28.71 24.74
CA TYR A 386 -5.46 -27.70 24.67
C TYR A 386 -6.73 -28.34 25.21
N PRO A 387 -7.50 -27.59 26.02
CA PRO A 387 -8.66 -28.20 26.70
C PRO A 387 -9.72 -28.68 25.72
N SER A 388 -10.22 -29.90 25.92
CA SER A 388 -11.35 -30.37 25.16
C SER A 388 -12.46 -29.37 25.34
N PHE A 389 -13.24 -29.15 24.28
CA PHE A 389 -14.43 -28.34 24.42
C PHE A 389 -15.49 -28.83 23.46
N ASP A 390 -16.72 -28.39 23.69
CA ASP A 390 -17.85 -28.96 22.97
C ASP A 390 -17.89 -28.44 21.55
N ILE A 391 -17.03 -29.01 20.71
CA ILE A 391 -16.97 -28.63 19.31
C ILE A 391 -18.33 -28.86 18.63
N ASP A 392 -19.00 -29.95 18.99
CA ASP A 392 -20.32 -30.23 18.43
C ASP A 392 -21.28 -29.08 18.69
N GLY A 393 -21.18 -28.47 19.86
CA GLY A 393 -22.05 -27.36 20.22
C GLY A 393 -21.75 -26.12 19.40
N ALA A 394 -20.47 -25.76 19.31
CA ALA A 394 -20.06 -24.67 18.45
C ALA A 394 -20.66 -24.92 17.07
N CYS A 395 -20.51 -26.15 16.61
CA CYS A 395 -21.06 -26.55 15.33
C CYS A 395 -22.55 -26.23 15.24
N ASP A 396 -23.30 -26.63 16.27
CA ASP A 396 -24.73 -26.33 16.31
C ASP A 396 -25.01 -24.83 16.24
N ALA A 397 -24.19 -24.06 16.96
CA ALA A 397 -24.31 -22.61 16.89
C ALA A 397 -24.27 -22.14 15.44
N PHE A 398 -23.25 -22.55 14.70
CA PHE A 398 -23.12 -22.17 13.29
C PHE A 398 -24.32 -22.63 12.46
N PHE A 399 -24.81 -23.83 12.72
CA PHE A 399 -25.98 -24.33 12.00
C PHE A 399 -27.18 -23.41 12.21
N GLU A 400 -27.45 -23.05 13.46
CA GLU A 400 -28.56 -22.15 13.79
C GLU A 400 -28.37 -20.77 13.19
N TRP A 401 -27.13 -20.28 13.24
CA TRP A 401 -26.77 -19.01 12.64
C TRP A 401 -27.07 -19.01 11.14
N LYS A 402 -26.72 -20.12 10.47
CA LYS A 402 -27.01 -20.25 9.05
C LYS A 402 -28.51 -20.15 8.76
N LYS A 403 -29.32 -20.82 9.56
CA LYS A 403 -30.77 -20.75 9.41
C LYS A 403 -31.30 -19.33 9.65
N HIS A 404 -30.76 -18.66 10.66
CA HIS A 404 -31.18 -17.30 11.00
C HIS A 404 -30.92 -16.33 9.84
N LYS A 405 -29.80 -16.50 9.15
CA LYS A 405 -29.49 -15.61 8.04
C LYS A 405 -30.40 -15.88 6.86
N ALA A 406 -30.69 -17.15 6.61
CA ALA A 406 -31.55 -17.54 5.51
C ALA A 406 -32.93 -16.94 5.72
N LYS A 407 -33.36 -16.88 6.97
CA LYS A 407 -34.67 -16.36 7.31
C LYS A 407 -34.73 -14.84 7.15
N ASP A 408 -33.84 -14.14 7.83
CA ASP A 408 -33.79 -12.68 7.73
C ASP A 408 -32.35 -12.17 7.74
N ILE A 409 -31.86 -11.80 6.56
CA ILE A 409 -30.46 -11.40 6.38
C ILE A 409 -30.15 -10.15 7.20
N MET A 410 -31.16 -9.31 7.43
CA MET A 410 -30.94 -8.06 8.12
C MET A 410 -31.13 -8.13 9.62
N ALA A 411 -31.63 -9.24 10.12
CA ALA A 411 -31.96 -9.35 11.52
C ALA A 411 -31.28 -10.52 12.22
N PHE A 412 -30.33 -11.17 11.54
CA PHE A 412 -29.75 -12.38 12.12
C PHE A 412 -28.90 -12.08 13.35
N ARG A 413 -28.42 -10.85 13.48
CA ARG A 413 -27.65 -10.49 14.66
C ARG A 413 -28.56 -10.32 15.88
N ASP A 414 -29.86 -10.27 15.62
CA ASP A 414 -30.85 -10.25 16.70
C ASP A 414 -31.26 -11.67 17.09
N ASN A 415 -30.29 -12.42 17.60
CA ASN A 415 -30.48 -13.81 17.97
C ASN A 415 -29.49 -14.18 19.07
N SER A 416 -29.74 -15.30 19.74
CA SER A 416 -28.88 -15.74 20.82
C SER A 416 -28.56 -17.22 20.64
N TYR A 417 -27.46 -17.66 21.25
CA TYR A 417 -27.03 -19.04 21.10
C TYR A 417 -26.55 -19.63 22.41
N LYS A 418 -26.69 -20.93 22.54
CA LYS A 418 -26.29 -21.62 23.75
C LYS A 418 -24.77 -21.55 23.93
N SER A 419 -24.35 -20.98 25.05
CA SER A 419 -22.95 -21.05 25.44
C SER A 419 -22.47 -22.50 25.38
N VAL A 420 -21.27 -22.71 24.87
CA VAL A 420 -20.74 -24.06 24.72
C VAL A 420 -20.29 -24.65 26.06
N ILE A 421 -20.15 -23.79 27.07
CA ILE A 421 -19.77 -24.25 28.40
C ILE A 421 -20.99 -24.62 29.26
N THR A 422 -22.03 -23.79 29.22
CA THR A 422 -23.19 -23.98 30.08
C THR A 422 -24.39 -24.58 29.34
N GLY A 423 -24.53 -24.25 28.06
CA GLY A 423 -25.68 -24.67 27.28
C GLY A 423 -26.83 -23.68 27.43
N THR A 424 -26.53 -22.55 28.05
CA THR A 424 -27.53 -21.52 28.29
C THR A 424 -27.53 -20.49 27.17
N MET A 425 -28.71 -20.11 26.70
CA MET A 425 -28.83 -19.10 25.66
C MET A 425 -28.22 -17.78 26.13
N ALA A 426 -27.73 -17.00 25.16
CA ALA A 426 -27.15 -15.70 25.47
C ALA A 426 -28.27 -14.68 25.66
N PRO A 427 -28.03 -13.68 26.51
CA PRO A 427 -28.95 -12.56 26.67
C PRO A 427 -29.30 -11.94 25.32
N VAL A 428 -30.50 -11.40 25.20
CA VAL A 428 -30.88 -10.63 24.03
C VAL A 428 -30.26 -9.24 24.17
N HIS A 429 -29.67 -8.71 23.10
CA HIS A 429 -29.09 -7.38 23.21
C HIS A 429 -30.17 -6.32 23.36
N HIS A 430 -29.80 -5.16 23.87
CA HIS A 430 -30.76 -4.13 24.25
C HIS A 430 -31.29 -3.30 23.08
N THR A 431 -30.66 -3.42 21.91
CA THR A 431 -31.06 -2.65 20.75
C THR A 431 -30.94 -3.48 19.48
N PRO A 432 -32.03 -3.58 18.69
CA PRO A 432 -31.98 -4.27 17.41
C PRO A 432 -30.81 -3.76 16.58
N TRP A 433 -30.19 -4.66 15.81
CA TRP A 433 -29.00 -4.31 15.06
C TRP A 433 -29.20 -3.10 14.16
N LYS A 434 -30.28 -3.07 13.39
CA LYS A 434 -30.44 -1.99 12.42
C LYS A 434 -30.65 -0.65 13.12
N GLU A 435 -30.96 -0.70 14.41
CA GLU A 435 -31.16 0.51 15.21
C GLU A 435 -29.92 0.84 16.03
N ALA A 436 -29.00 -0.12 16.11
CA ALA A 436 -27.79 0.05 16.92
C ALA A 436 -26.74 0.85 16.16
N LEU A 437 -26.82 2.16 16.22
CA LEU A 437 -25.89 3.02 15.50
C LEU A 437 -24.57 3.22 16.24
N ASP A 438 -24.58 3.11 17.57
CA ASP A 438 -23.36 3.32 18.35
C ASP A 438 -22.44 2.10 18.37
N ASP A 439 -21.22 2.29 17.87
CA ASP A 439 -20.20 1.25 17.76
C ASP A 439 -19.63 0.79 19.08
N SER A 440 -19.56 1.72 20.03
CA SER A 440 -18.70 1.61 21.19
C SER A 440 -18.93 0.38 22.05
N MET A 441 -17.87 -0.10 22.67
CA MET A 441 -17.96 -1.15 23.67
C MET A 441 -18.75 -0.58 24.83
N GLU A 442 -18.63 0.73 25.00
CA GLU A 442 -19.35 1.49 26.01
C GLU A 442 -20.85 1.25 25.90
N ALA A 443 -21.40 1.56 24.74
CA ALA A 443 -22.84 1.42 24.50
C ALA A 443 -23.28 -0.03 24.55
N TYR A 444 -22.40 -0.93 24.12
CA TYR A 444 -22.75 -2.35 24.03
C TYR A 444 -22.90 -2.98 25.42
N LEU A 445 -21.98 -2.65 26.32
CA LEU A 445 -21.99 -3.23 27.66
C LEU A 445 -22.81 -2.40 28.64
N GLN A 446 -23.10 -1.15 28.28
CA GLN A 446 -23.81 -0.23 29.16
C GLN A 446 -23.04 0.09 30.44
N THR B 2 31.86 -10.58 -17.34
CA THR B 2 31.93 -9.12 -17.32
C THR B 2 31.26 -8.56 -16.06
N LYS B 3 31.48 -7.27 -15.81
CA LYS B 3 30.83 -6.62 -14.68
C LYS B 3 29.35 -6.41 -14.99
N ARG B 4 28.54 -6.19 -13.97
CA ARG B 4 27.10 -6.00 -14.18
C ARG B 4 26.59 -4.90 -13.26
N VAL B 5 25.62 -4.13 -13.77
CA VAL B 5 25.03 -3.03 -13.04
C VAL B 5 23.53 -3.27 -12.92
N ALA B 6 22.98 -3.10 -11.71
CA ALA B 6 21.53 -3.17 -11.51
C ALA B 6 20.97 -1.76 -11.38
N VAL B 7 19.97 -1.44 -12.18
CA VAL B 7 19.24 -0.16 -12.09
C VAL B 7 17.84 -0.43 -11.51
N ILE B 8 17.53 0.21 -10.38
CA ILE B 8 16.20 0.02 -9.76
C ILE B 8 15.29 1.16 -10.16
N GLY B 9 14.34 0.85 -11.06
CA GLY B 9 13.37 1.82 -11.52
C GLY B 9 13.55 2.13 -12.99
N ALA B 10 12.44 2.15 -13.74
CA ALA B 10 12.44 2.57 -15.13
C ALA B 10 11.59 3.83 -15.33
N GLY B 11 11.65 4.74 -14.35
CA GLY B 11 11.13 6.08 -14.52
C GLY B 11 12.13 6.92 -15.30
N PRO B 12 11.89 8.22 -15.42
CA PRO B 12 12.78 9.16 -16.13
C PRO B 12 14.25 8.97 -15.75
N SER B 13 14.55 8.84 -14.45
CA SER B 13 15.93 8.61 -14.01
C SER B 13 16.54 7.29 -14.47
N GLY B 14 15.85 6.17 -14.22
CA GLY B 14 16.41 4.91 -14.64
C GLY B 14 16.52 4.85 -16.15
N LEU B 15 15.55 5.43 -16.85
CA LEU B 15 15.60 5.43 -18.31
C LEU B 15 16.79 6.23 -18.80
N ALA B 16 17.04 7.36 -18.14
CA ALA B 16 18.20 8.18 -18.47
C ALA B 16 19.48 7.36 -18.28
N GLN B 17 19.50 6.51 -17.26
CA GLN B 17 20.67 5.72 -16.96
C GLN B 17 20.94 4.67 -18.05
N LEU B 18 19.88 4.06 -18.54
CA LEU B 18 19.98 3.11 -19.65
C LEU B 18 20.48 3.84 -20.89
N ARG B 19 19.89 4.99 -21.17
CA ARG B 19 20.28 5.78 -22.32
C ARG B 19 21.76 6.15 -22.22
N ALA B 20 22.21 6.46 -21.02
CA ALA B 20 23.61 6.86 -20.84
C ALA B 20 24.54 5.72 -21.21
N PHE B 21 24.25 4.52 -20.71
CA PHE B 21 25.11 3.40 -21.06
C PHE B 21 25.04 3.06 -22.55
N GLN B 22 23.86 3.17 -23.14
CA GLN B 22 23.74 2.87 -24.57
C GLN B 22 24.58 3.85 -25.39
N SER B 23 24.54 5.13 -25.05
CA SER B 23 25.34 6.13 -25.77
C SER B 23 26.83 5.85 -25.71
N ALA B 24 27.31 5.31 -24.58
CA ALA B 24 28.73 4.99 -24.46
C ALA B 24 29.11 3.75 -25.28
N ALA B 25 28.26 2.72 -25.25
CA ALA B 25 28.46 1.52 -26.06
C ALA B 25 28.57 1.85 -27.55
N ASP B 26 27.76 2.80 -28.02
CA ASP B 26 27.78 3.15 -29.44
C ASP B 26 29.12 3.77 -29.84
N GLN B 27 29.82 4.36 -28.86
CA GLN B 27 31.12 4.99 -29.09
C GLN B 27 32.26 3.98 -29.06
N GLY B 28 31.92 2.71 -28.84
CA GLY B 28 32.93 1.67 -28.80
C GLY B 28 33.47 1.35 -27.41
N ALA B 29 32.97 2.05 -26.40
CA ALA B 29 33.35 1.71 -25.03
C ALA B 29 32.74 0.37 -24.64
N GLU B 30 33.50 -0.45 -23.91
CA GLU B 30 32.94 -1.64 -23.31
C GLU B 30 32.10 -1.21 -22.12
N ILE B 31 30.86 -1.71 -22.05
CA ILE B 31 29.98 -1.42 -20.94
C ILE B 31 29.68 -2.70 -20.19
N PRO B 32 29.34 -2.58 -18.90
CA PRO B 32 28.94 -3.79 -18.16
C PRO B 32 27.59 -4.26 -18.65
N GLU B 33 27.18 -5.45 -18.21
CA GLU B 33 25.80 -5.87 -18.43
C GLU B 33 24.94 -4.94 -17.61
N ILE B 34 23.76 -4.58 -18.13
CA ILE B 34 22.84 -3.71 -17.41
C ILE B 34 21.50 -4.42 -17.22
N VAL B 35 21.02 -4.47 -15.99
CA VAL B 35 19.73 -5.09 -15.68
C VAL B 35 18.90 -4.05 -14.97
N CYS B 36 17.73 -3.74 -15.51
CA CYS B 36 16.87 -2.75 -14.90
C CYS B 36 15.60 -3.41 -14.36
N PHE B 37 15.38 -3.25 -13.05
CA PHE B 37 14.20 -3.81 -12.40
C PHE B 37 13.09 -2.77 -12.25
N GLU B 38 11.90 -3.07 -12.76
CA GLU B 38 10.80 -2.16 -12.66
C GLU B 38 9.58 -2.88 -12.08
N LYS B 39 9.03 -2.34 -11.01
CA LYS B 39 7.87 -2.90 -10.31
C LYS B 39 6.59 -2.87 -11.18
N GLN B 40 6.43 -1.80 -11.96
CA GLN B 40 5.27 -1.62 -12.83
C GLN B 40 5.35 -2.48 -14.08
N ALA B 41 4.23 -2.57 -14.80
CA ALA B 41 4.15 -3.34 -16.06
C ALA B 41 4.78 -2.62 -17.25
N ASN B 42 5.07 -1.34 -17.08
CA ASN B 42 5.68 -0.53 -18.13
C ASN B 42 6.57 0.55 -17.54
N TRP B 43 7.34 1.22 -18.40
CA TRP B 43 8.27 2.25 -17.95
C TRP B 43 7.53 3.57 -17.84
N GLY B 44 8.19 4.59 -17.32
CA GLY B 44 7.59 5.90 -17.22
C GLY B 44 7.55 6.48 -15.82
N GLY B 45 7.66 5.60 -14.81
CA GLY B 45 7.70 6.05 -13.44
C GLY B 45 6.40 6.72 -13.05
N LEU B 46 6.50 7.88 -12.40
CA LEU B 46 5.34 8.66 -12.02
C LEU B 46 4.49 9.05 -13.22
N TRP B 47 5.06 9.00 -14.42
CA TRP B 47 4.32 9.47 -15.59
C TRP B 47 3.31 8.45 -16.14
N ASN B 48 3.40 7.23 -15.63
CA ASN B 48 2.36 6.22 -15.87
C ASN B 48 1.12 6.63 -15.11
N TYR B 49 -0.04 6.51 -15.72
CA TYR B 49 -1.26 6.72 -14.97
C TYR B 49 -1.87 5.37 -14.66
N THR B 50 -2.45 5.25 -13.48
CA THR B 50 -3.33 4.13 -13.16
C THR B 50 -4.48 4.60 -12.28
N TRP B 51 -5.65 4.01 -12.50
CA TRP B 51 -6.84 4.31 -11.72
C TRP B 51 -6.72 3.72 -10.32
N ARG B 52 -5.82 2.77 -10.17
CA ARG B 52 -5.66 2.08 -8.89
C ARG B 52 -4.98 2.97 -7.85
N THR B 53 -5.37 2.81 -6.59
CA THR B 53 -4.72 3.49 -5.47
C THR B 53 -4.41 2.43 -4.40
N GLY B 54 -3.53 2.76 -3.46
CA GLY B 54 -3.18 1.84 -2.40
C GLY B 54 -2.18 0.79 -2.85
N LEU B 55 -2.68 -0.42 -3.16
CA LEU B 55 -1.84 -1.48 -3.69
C LEU B 55 -2.27 -1.83 -5.11
N ASP B 56 -1.30 -2.22 -5.94
CA ASP B 56 -1.60 -2.50 -7.34
C ASP B 56 -2.16 -3.91 -7.57
N GLU B 57 -2.36 -4.24 -8.84
CA GLU B 57 -2.92 -5.52 -9.23
C GLU B 57 -2.16 -6.69 -8.62
N ASN B 58 -0.85 -6.50 -8.42
CA ASN B 58 0.05 -7.54 -7.89
C ASN B 58 0.14 -7.58 -6.37
N GLY B 59 -0.40 -6.56 -5.70
CA GLY B 59 -0.31 -6.47 -4.25
C GLY B 59 0.82 -5.56 -3.77
N GLU B 60 1.48 -4.87 -4.70
CA GLU B 60 2.58 -3.97 -4.35
C GLU B 60 2.06 -2.54 -4.19
N PRO B 61 2.73 -1.74 -3.34
CA PRO B 61 2.27 -0.35 -3.19
C PRO B 61 2.22 0.35 -4.53
N VAL B 62 1.13 1.07 -4.79
CA VAL B 62 0.96 1.77 -6.05
C VAL B 62 1.97 2.91 -6.13
N HIS B 63 2.78 2.92 -7.18
CA HIS B 63 3.77 3.98 -7.33
C HIS B 63 3.13 5.30 -7.77
N CYS B 64 2.16 5.20 -8.66
CA CYS B 64 1.57 6.39 -9.30
C CYS B 64 1.01 7.40 -8.30
N SER B 65 1.42 8.66 -8.45
CA SER B 65 0.84 9.77 -7.69
C SER B 65 0.16 10.77 -8.60
N MET B 66 0.17 10.53 -9.92
CA MET B 66 -0.46 11.49 -10.82
C MET B 66 -1.96 11.23 -10.90
N TYR B 67 -2.71 12.28 -11.26
CA TYR B 67 -4.17 12.20 -11.30
C TYR B 67 -4.70 12.55 -12.69
N ARG B 68 -6.00 12.38 -12.88
CA ARG B 68 -6.64 12.81 -14.10
C ARG B 68 -6.51 14.33 -14.26
N TYR B 69 -6.40 14.79 -15.50
CA TYR B 69 -6.38 16.22 -15.85
C TYR B 69 -5.09 16.91 -15.47
N LEU B 70 -4.08 16.12 -15.09
CA LEU B 70 -2.80 16.70 -14.72
C LEU B 70 -2.05 17.19 -15.96
N TRP B 71 -1.58 18.43 -15.91
CA TRP B 71 -0.69 18.97 -16.93
C TRP B 71 0.66 19.32 -16.31
N SER B 72 1.70 19.34 -17.15
CA SER B 72 3.01 19.85 -16.78
C SER B 72 2.84 21.11 -15.92
N ASN B 73 3.55 21.19 -14.80
CA ASN B 73 3.39 22.36 -13.93
C ASN B 73 4.48 23.40 -14.10
N GLY B 74 5.52 23.05 -14.83
CA GLY B 74 6.55 24.01 -15.20
C GLY B 74 6.65 24.11 -16.70
N PRO B 75 7.40 25.10 -17.20
CA PRO B 75 7.53 25.23 -18.65
C PRO B 75 8.32 24.06 -19.23
N LYS B 76 7.85 23.50 -20.34
CA LYS B 76 8.51 22.34 -20.91
C LYS B 76 9.95 22.66 -21.29
N GLU B 77 10.19 23.90 -21.68
CA GLU B 77 11.50 24.33 -22.14
C GLU B 77 12.61 24.11 -21.10
N GLY B 78 12.23 23.99 -19.84
CA GLY B 78 13.20 23.74 -18.77
C GLY B 78 13.54 22.27 -18.54
N LEU B 79 12.82 21.37 -19.19
CA LEU B 79 13.03 19.93 -18.98
C LEU B 79 13.33 19.14 -20.27
N GLU B 80 13.91 19.80 -21.26
CA GLU B 80 14.21 19.13 -22.53
C GLU B 80 15.47 18.27 -22.39
N PHE B 81 15.42 17.06 -22.95
CA PHE B 81 16.63 16.25 -23.08
C PHE B 81 17.60 16.99 -23.99
N ALA B 82 18.89 16.99 -23.62
CA ALA B 82 19.89 17.67 -24.42
C ALA B 82 20.27 16.85 -25.66
N ASP B 83 19.80 15.60 -25.70
CA ASP B 83 20.16 14.71 -26.80
C ASP B 83 18.94 14.28 -27.62
N TYR B 84 17.80 14.90 -27.35
CA TYR B 84 16.56 14.48 -28.01
C TYR B 84 15.53 15.59 -27.89
N SER B 85 15.68 16.60 -28.74
CA SER B 85 14.78 17.75 -28.75
C SER B 85 13.32 17.36 -28.89
N PHE B 86 12.42 18.21 -28.40
CA PHE B 86 10.99 18.01 -28.61
C PHE B 86 10.72 18.00 -30.09
N GLU B 87 11.34 18.96 -30.78
CA GLU B 87 11.17 19.11 -32.22
C GLU B 87 11.42 17.79 -32.93
N GLU B 88 12.55 17.16 -32.63
CA GLU B 88 12.87 15.85 -33.21
C GLU B 88 11.79 14.81 -32.92
N HIS B 89 11.11 14.95 -31.78
CA HIS B 89 10.14 13.93 -31.37
C HIS B 89 8.74 14.10 -31.97
N PHE B 90 8.16 15.29 -31.83
CA PHE B 90 6.81 15.51 -32.33
C PHE B 90 6.85 16.04 -33.75
N GLY B 91 8.06 16.26 -34.25
CA GLY B 91 8.25 16.82 -35.58
C GLY B 91 8.08 18.33 -35.61
N LYS B 92 7.05 18.82 -34.94
CA LYS B 92 6.74 20.25 -34.94
C LYS B 92 6.93 20.89 -33.58
N GLN B 93 6.22 21.99 -33.35
CA GLN B 93 6.32 22.72 -32.09
C GLN B 93 4.98 22.72 -31.35
N ILE B 94 5.02 22.36 -30.07
CA ILE B 94 3.83 22.35 -29.23
C ILE B 94 3.87 23.45 -28.18
N ALA B 95 2.81 23.57 -27.41
CA ALA B 95 2.72 24.58 -26.36
C ALA B 95 3.78 24.32 -25.28
N SER B 96 3.70 25.07 -24.19
CA SER B 96 4.69 24.96 -23.12
C SER B 96 4.25 24.14 -21.91
N TYR B 97 2.98 23.79 -21.86
CA TYR B 97 2.45 23.01 -20.73
C TYR B 97 1.69 21.76 -21.20
N PRO B 98 2.40 20.77 -21.74
CA PRO B 98 1.75 19.59 -22.30
C PRO B 98 1.16 18.71 -21.18
N PRO B 99 -0.01 18.11 -21.42
CA PRO B 99 -0.64 17.20 -20.44
C PRO B 99 0.21 15.94 -20.21
N ARG B 100 -0.10 15.22 -19.14
CA ARG B 100 0.66 14.02 -18.76
C ARG B 100 0.91 13.11 -19.96
N ALA B 101 -0.16 12.76 -20.66
CA ALA B 101 -0.07 11.80 -21.77
C ALA B 101 0.94 12.23 -22.83
N VAL B 102 0.99 13.53 -23.09
CA VAL B 102 1.91 14.05 -24.08
C VAL B 102 3.36 13.95 -23.61
N LEU B 103 3.63 14.29 -22.35
CA LEU B 103 5.00 14.17 -21.85
C LEU B 103 5.44 12.71 -21.72
N PHE B 104 4.51 11.82 -21.41
CA PHE B 104 4.82 10.39 -21.38
C PHE B 104 5.28 9.93 -22.77
N ASP B 105 4.58 10.37 -23.81
CA ASP B 105 4.95 10.03 -25.18
C ASP B 105 6.37 10.49 -25.53
N TYR B 106 6.74 11.69 -25.06
CA TYR B 106 8.07 12.24 -25.28
C TYR B 106 9.13 11.40 -24.55
N ILE B 107 8.85 11.09 -23.29
CA ILE B 107 9.73 10.25 -22.51
C ILE B 107 9.97 8.92 -23.21
N GLU B 108 8.89 8.33 -23.72
CA GLU B 108 8.95 7.03 -24.34
C GLU B 108 9.65 7.08 -25.69
N GLY B 109 9.36 8.13 -26.44
CA GLY B 109 10.00 8.35 -27.74
C GLY B 109 11.50 8.17 -27.66
N ARG B 110 12.12 8.85 -26.70
CA ARG B 110 13.57 8.79 -26.57
C ARG B 110 14.08 7.38 -26.30
N VAL B 111 13.51 6.68 -25.33
CA VAL B 111 14.03 5.37 -25.00
C VAL B 111 13.71 4.32 -26.07
N HIS B 112 12.60 4.50 -26.78
CA HIS B 112 12.31 3.65 -27.93
C HIS B 112 13.48 3.73 -28.90
N LYS B 113 13.86 4.94 -29.27
CA LYS B 113 14.98 5.13 -30.17
C LYS B 113 16.26 4.47 -29.67
N ALA B 114 16.44 4.44 -28.35
CA ALA B 114 17.67 3.90 -27.76
C ALA B 114 17.79 2.38 -27.77
N ASP B 115 16.68 1.69 -27.97
CA ASP B 115 16.67 0.22 -27.95
C ASP B 115 17.22 -0.31 -26.63
N VAL B 116 16.74 0.26 -25.53
CA VAL B 116 17.22 -0.17 -24.22
C VAL B 116 16.18 -1.00 -23.48
N ARG B 117 14.97 -1.09 -24.04
CA ARG B 117 13.89 -1.85 -23.39
C ARG B 117 14.30 -3.29 -23.04
N LYS B 118 15.20 -3.87 -23.83
CA LYS B 118 15.62 -5.26 -23.67
C LYS B 118 16.40 -5.50 -22.37
N TRP B 119 16.85 -4.41 -21.76
CA TRP B 119 17.54 -4.45 -20.48
C TRP B 119 16.58 -4.43 -19.30
N ILE B 120 15.30 -4.14 -19.57
CA ILE B 120 14.33 -3.97 -18.49
C ILE B 120 13.51 -5.24 -18.15
N ARG B 121 13.35 -5.48 -16.86
CA ARG B 121 12.44 -6.51 -16.38
C ARG B 121 11.25 -5.86 -15.67
N PHE B 122 10.07 -5.95 -16.28
CA PHE B 122 8.88 -5.33 -15.73
C PHE B 122 8.19 -6.26 -14.77
N ASN B 123 7.24 -5.73 -14.01
CA ASN B 123 6.53 -6.54 -13.03
C ASN B 123 7.49 -7.23 -12.08
N SER B 124 8.60 -6.55 -11.80
CA SER B 124 9.70 -7.15 -11.04
C SER B 124 10.21 -6.24 -9.91
N PRO B 125 9.38 -6.02 -8.89
CA PRO B 125 9.87 -5.25 -7.75
C PRO B 125 11.12 -5.87 -7.13
N VAL B 126 12.09 -5.01 -6.82
CA VAL B 126 13.23 -5.43 -6.01
C VAL B 126 12.77 -5.57 -4.56
N ARG B 127 13.07 -6.70 -3.94
CA ARG B 127 12.73 -6.99 -2.54
C ARG B 127 13.83 -6.57 -1.58
N TRP B 128 15.09 -6.72 -2.00
CA TRP B 128 16.20 -6.46 -1.08
C TRP B 128 17.51 -6.24 -1.84
N VAL B 129 18.43 -5.50 -1.23
CA VAL B 129 19.78 -5.36 -1.79
C VAL B 129 20.73 -5.43 -0.63
N SER B 130 21.72 -6.30 -0.71
CA SER B 130 22.74 -6.31 0.32
C SER B 130 24.11 -6.24 -0.32
N TYR B 131 25.10 -5.84 0.46
CA TYR B 131 26.48 -5.81 -0.04
C TYR B 131 27.39 -6.69 0.82
N ASP B 132 28.25 -7.45 0.16
CA ASP B 132 29.24 -8.27 0.85
C ASP B 132 30.65 -7.74 0.57
N ALA B 133 31.35 -7.32 1.62
CA ALA B 133 32.66 -6.71 1.47
C ALA B 133 33.68 -7.72 0.97
N GLU B 134 33.53 -8.96 1.42
CA GLU B 134 34.45 -10.02 1.01
C GLU B 134 34.41 -10.26 -0.50
N THR B 135 33.21 -10.26 -1.08
CA THR B 135 33.08 -10.53 -2.51
C THR B 135 33.07 -9.25 -3.34
N ALA B 136 32.84 -8.11 -2.68
CA ALA B 136 32.68 -6.83 -3.36
C ALA B 136 31.51 -6.84 -4.34
N LYS B 137 30.45 -7.56 -4.00
CA LYS B 137 29.27 -7.63 -4.84
C LYS B 137 28.01 -7.28 -4.04
N PHE B 138 27.06 -6.65 -4.73
CA PHE B 138 25.71 -6.49 -4.20
C PHE B 138 24.87 -7.71 -4.59
N THR B 139 24.08 -8.23 -3.66
CA THR B 139 23.07 -9.23 -4.00
C THR B 139 21.73 -8.54 -4.06
N VAL B 140 21.10 -8.63 -5.24
CA VAL B 140 19.78 -8.06 -5.47
C VAL B 140 18.76 -9.19 -5.56
N THR B 141 17.74 -9.11 -4.71
CA THR B 141 16.64 -10.06 -4.66
C THR B 141 15.42 -9.38 -5.23
N ALA B 142 14.80 -9.99 -6.23
CA ALA B 142 13.64 -9.43 -6.90
C ALA B 142 12.55 -10.48 -7.07
N HIS B 143 11.31 -10.02 -7.17
CA HIS B 143 10.21 -10.93 -7.38
C HIS B 143 9.57 -10.68 -8.74
N ASN B 144 9.55 -11.72 -9.56
CA ASN B 144 8.91 -11.65 -10.85
C ASN B 144 7.42 -12.01 -10.74
N HIS B 145 6.54 -11.03 -10.84
CA HIS B 145 5.10 -11.28 -10.71
C HIS B 145 4.52 -12.01 -11.92
N GLU B 146 5.26 -12.05 -13.01
CA GLU B 146 4.74 -12.74 -14.19
C GLU B 146 4.75 -14.25 -13.94
N THR B 147 5.75 -14.69 -13.18
CA THR B 147 5.95 -16.11 -12.92
C THR B 147 5.74 -16.47 -11.45
N ASP B 148 5.45 -15.45 -10.64
CA ASP B 148 5.40 -15.58 -9.18
C ASP B 148 6.62 -16.31 -8.61
N SER B 149 7.80 -15.82 -8.97
CA SER B 149 9.04 -16.40 -8.52
C SER B 149 10.02 -15.33 -8.12
N THR B 150 10.60 -15.47 -6.93
CA THR B 150 11.65 -14.58 -6.45
C THR B 150 13.00 -15.21 -6.76
N TYR B 151 13.99 -14.40 -7.12
CA TYR B 151 15.34 -14.89 -7.34
C TYR B 151 16.34 -13.85 -6.86
N SER B 152 17.62 -14.21 -6.86
CA SER B 152 18.68 -13.31 -6.43
C SER B 152 19.81 -13.37 -7.44
N ALA B 153 20.55 -12.27 -7.57
CA ALA B 153 21.71 -12.25 -8.44
C ALA B 153 22.71 -11.20 -7.95
N ALA B 154 23.97 -11.38 -8.35
CA ALA B 154 25.04 -10.49 -7.92
C ALA B 154 25.34 -9.40 -8.93
N PHE B 155 25.68 -8.22 -8.42
CA PHE B 155 25.96 -7.07 -9.26
C PHE B 155 27.17 -6.33 -8.68
N ASP B 156 27.94 -5.70 -9.57
CA ASP B 156 29.10 -4.92 -9.13
C ASP B 156 28.69 -3.53 -8.68
N HIS B 157 27.60 -3.03 -9.24
CA HIS B 157 27.03 -1.75 -8.82
C HIS B 157 25.52 -1.82 -8.77
N VAL B 158 24.94 -1.02 -7.89
CA VAL B 158 23.52 -0.79 -7.87
C VAL B 158 23.25 0.70 -8.02
N ILE B 159 22.32 1.04 -8.89
CA ILE B 159 21.89 2.41 -9.08
C ILE B 159 20.41 2.50 -8.76
N CYS B 160 20.10 3.19 -7.68
CA CYS B 160 18.74 3.25 -7.16
C CYS B 160 18.05 4.47 -7.73
N ALA B 161 17.02 4.22 -8.55
CA ALA B 161 16.27 5.31 -9.16
C ALA B 161 14.80 5.10 -8.89
N SER B 162 14.47 4.87 -7.62
CA SER B 162 13.14 4.41 -7.24
C SER B 162 12.15 5.52 -6.88
N GLY B 163 12.56 6.78 -7.06
CA GLY B 163 11.70 7.92 -6.82
C GLY B 163 11.58 8.29 -5.34
N HIS B 164 11.00 9.46 -5.08
CA HIS B 164 10.73 9.86 -3.70
C HIS B 164 9.44 10.66 -3.57
N PHE B 165 8.53 10.50 -4.52
CA PHE B 165 7.24 11.19 -4.43
C PHE B 165 6.11 10.17 -4.50
N SER B 166 6.29 9.02 -3.83
CA SER B 166 5.32 7.93 -3.90
C SER B 166 4.88 7.33 -2.56
N THR B 167 5.71 7.44 -1.53
CA THR B 167 5.35 7.00 -0.18
C THR B 167 4.88 8.22 0.62
N PRO B 168 3.57 8.33 0.84
CA PRO B 168 3.08 9.61 1.38
C PRO B 168 3.42 9.89 2.83
N ASN B 169 3.53 11.19 3.13
CA ASN B 169 3.57 11.71 4.48
C ASN B 169 2.12 11.97 4.85
N VAL B 170 1.60 11.20 5.80
CA VAL B 170 0.17 11.25 6.15
C VAL B 170 0.01 11.52 7.64
N PRO B 171 -0.03 12.80 8.02
CA PRO B 171 -0.14 13.22 9.42
C PRO B 171 -1.52 12.93 9.97
N PHE B 172 -1.61 12.64 11.26
CA PHE B 172 -2.90 12.56 11.93
C PHE B 172 -3.22 13.89 12.63
N TYR B 173 -4.44 14.38 12.44
CA TYR B 173 -4.91 15.52 13.21
C TYR B 173 -6.14 15.09 14.02
N GLU B 174 -6.28 15.63 15.22
CA GLU B 174 -7.48 15.32 16.01
C GLU B 174 -8.71 15.38 15.11
N GLY B 175 -9.54 14.35 15.18
CA GLY B 175 -10.79 14.32 14.42
C GLY B 175 -10.76 13.67 13.04
N PHE B 176 -9.57 13.36 12.54
CA PHE B 176 -9.47 12.73 11.23
C PHE B 176 -10.22 11.39 11.22
N ASP B 177 -10.19 10.70 12.35
CA ASP B 177 -10.71 9.34 12.41
C ASP B 177 -12.23 9.27 12.57
N THR B 178 -12.88 10.42 12.77
CA THR B 178 -14.32 10.44 12.95
C THR B 178 -14.98 11.37 11.94
N PHE B 179 -14.16 12.03 11.13
CA PHE B 179 -14.66 12.91 10.09
C PHE B 179 -15.63 12.18 9.17
N ASN B 180 -16.85 12.70 9.05
CA ASN B 180 -17.82 12.17 8.11
C ASN B 180 -17.62 12.76 6.71
N GLY B 181 -16.60 12.26 6.02
CA GLY B 181 -16.29 12.74 4.70
C GLY B 181 -15.02 12.06 4.20
N ARG B 182 -14.68 12.30 2.94
CA ARG B 182 -13.52 11.69 2.33
C ARG B 182 -12.21 12.35 2.76
N ILE B 183 -11.25 11.54 3.15
CA ILE B 183 -9.92 12.02 3.50
C ILE B 183 -8.95 11.21 2.65
N VAL B 184 -8.26 11.88 1.74
CA VAL B 184 -7.36 11.17 0.84
C VAL B 184 -6.08 11.95 0.78
N HIS B 185 -4.96 11.25 0.68
CA HIS B 185 -3.68 11.92 0.46
C HIS B 185 -3.52 12.18 -1.03
N ALA B 186 -2.79 13.24 -1.38
CA ALA B 186 -2.61 13.59 -2.77
C ALA B 186 -2.18 12.37 -3.60
N HIS B 187 -1.48 11.45 -2.96
CA HIS B 187 -0.93 10.28 -3.64
C HIS B 187 -2.03 9.41 -4.24
N ASP B 188 -3.17 9.35 -3.55
CA ASP B 188 -4.31 8.52 -3.96
C ASP B 188 -5.42 9.34 -4.62
N PHE B 189 -5.20 10.66 -4.75
CA PHE B 189 -6.15 11.51 -5.44
C PHE B 189 -6.15 11.18 -6.92
N ARG B 190 -7.33 11.04 -7.52
CA ARG B 190 -7.40 10.63 -8.93
C ARG B 190 -8.27 11.50 -9.82
N ASP B 191 -9.49 11.78 -9.37
CA ASP B 191 -10.50 12.41 -10.24
C ASP B 191 -11.19 13.55 -9.54
N ALA B 192 -10.87 14.76 -9.99
CA ALA B 192 -11.42 15.97 -9.39
C ALA B 192 -12.94 16.01 -9.45
N ARG B 193 -13.53 15.36 -10.46
CA ARG B 193 -14.98 15.35 -10.60
C ARG B 193 -15.66 14.88 -9.33
N GLU B 194 -14.93 14.11 -8.52
CA GLU B 194 -15.47 13.57 -7.28
C GLU B 194 -15.90 14.66 -6.32
N PHE B 195 -15.28 15.83 -6.41
CA PHE B 195 -15.50 16.88 -5.44
C PHE B 195 -16.30 18.06 -6.01
N GLU B 196 -16.84 17.87 -7.21
CA GLU B 196 -17.71 18.86 -7.81
C GLU B 196 -18.85 19.16 -6.85
N GLY B 197 -19.11 20.44 -6.62
CA GLY B 197 -20.17 20.86 -5.71
C GLY B 197 -19.92 20.60 -4.23
N LYS B 198 -18.67 20.26 -3.88
CA LYS B 198 -18.34 19.98 -2.49
C LYS B 198 -17.43 21.06 -1.91
N ASP B 199 -17.44 21.19 -0.58
CA ASP B 199 -16.50 22.09 0.08
C ASP B 199 -15.28 21.25 0.42
N VAL B 200 -14.15 21.59 -0.18
CA VAL B 200 -12.94 20.79 -0.03
C VAL B 200 -11.92 21.52 0.83
N LEU B 201 -11.30 20.79 1.75
CA LEU B 201 -10.16 21.33 2.49
C LEU B 201 -8.89 20.76 1.90
N VAL B 202 -7.99 21.63 1.45
CA VAL B 202 -6.69 21.20 0.91
C VAL B 202 -5.63 21.52 1.94
N MET B 203 -4.95 20.50 2.46
CA MET B 203 -3.92 20.74 3.47
C MET B 203 -2.55 20.74 2.82
N GLY B 204 -1.84 21.86 2.95
CA GLY B 204 -0.53 21.96 2.33
C GLY B 204 -0.36 23.33 1.71
N ALA B 205 0.87 23.63 1.29
CA ALA B 205 1.19 24.95 0.74
C ALA B 205 2.30 24.88 -0.30
N SER B 206 2.38 23.75 -1.00
CA SER B 206 3.38 23.56 -2.04
C SER B 206 2.73 23.17 -3.36
N SER B 207 3.48 22.50 -4.23
CA SER B 207 2.99 22.17 -5.56
C SER B 207 1.68 21.39 -5.58
N SER B 208 1.61 20.28 -4.84
CA SER B 208 0.38 19.51 -4.85
C SER B 208 -0.83 20.31 -4.35
N ALA B 209 -0.67 21.09 -3.30
CA ALA B 209 -1.79 21.87 -2.81
C ALA B 209 -2.26 22.86 -3.87
N GLU B 210 -1.32 23.59 -4.47
CA GLU B 210 -1.65 24.50 -5.56
C GLU B 210 -2.45 23.81 -6.65
N ASP B 211 -1.94 22.69 -7.16
CA ASP B 211 -2.52 22.09 -8.35
C ASP B 211 -3.78 21.27 -8.10
N ILE B 212 -3.83 20.58 -6.97
CA ILE B 212 -5.02 19.79 -6.66
C ILE B 212 -6.17 20.71 -6.31
N GLY B 213 -5.86 21.76 -5.55
CA GLY B 213 -6.84 22.80 -5.29
C GLY B 213 -7.36 23.38 -6.60
N SER B 214 -6.45 23.58 -7.55
CA SER B 214 -6.81 24.15 -8.83
C SER B 214 -7.69 23.21 -9.67
N GLN B 215 -7.40 21.91 -9.61
CA GLN B 215 -8.22 20.92 -10.32
C GLN B 215 -9.62 20.87 -9.74
N CYS B 216 -9.70 20.83 -8.41
CA CYS B 216 -10.99 20.83 -7.73
C CYS B 216 -11.78 22.08 -8.11
N TRP B 217 -11.09 23.21 -8.20
CA TRP B 217 -11.72 24.45 -8.65
C TRP B 217 -12.17 24.35 -10.11
N LYS B 218 -11.26 23.92 -10.98
CA LYS B 218 -11.58 23.84 -12.40
C LYS B 218 -12.72 22.86 -12.71
N TYR B 219 -12.87 21.82 -11.89
CA TYR B 219 -13.91 20.82 -12.12
C TYR B 219 -15.14 20.96 -11.21
N GLY B 220 -15.34 22.15 -10.67
CA GLY B 220 -16.63 22.51 -10.08
C GLY B 220 -16.82 22.38 -8.58
N ALA B 221 -15.74 22.23 -7.83
CA ALA B 221 -15.85 22.27 -6.38
C ALA B 221 -16.65 23.50 -5.96
N LYS B 222 -17.43 23.39 -4.89
CA LYS B 222 -18.20 24.54 -4.43
C LYS B 222 -17.23 25.58 -3.87
N SER B 223 -16.45 25.17 -2.87
CA SER B 223 -15.44 26.04 -2.30
C SER B 223 -14.13 25.28 -2.03
N ILE B 224 -13.03 26.01 -2.09
CA ILE B 224 -11.73 25.46 -1.75
C ILE B 224 -11.19 26.22 -0.55
N THR B 225 -10.85 25.49 0.49
CA THR B 225 -10.17 26.09 1.64
C THR B 225 -8.83 25.40 1.74
N SER B 226 -7.73 26.14 1.56
CA SER B 226 -6.42 25.53 1.74
C SER B 226 -5.81 26.04 3.03
N CYS B 227 -5.08 25.17 3.73
CA CYS B 227 -4.42 25.62 4.96
C CYS B 227 -2.92 25.37 4.96
N TYR B 228 -2.19 26.33 5.51
CA TYR B 228 -0.73 26.28 5.62
C TYR B 228 -0.36 26.24 7.09
N ARG B 229 0.83 25.73 7.39
CA ARG B 229 1.32 25.67 8.77
C ARG B 229 2.55 26.55 8.93
N SER B 230 3.09 27.04 7.83
CA SER B 230 4.25 27.92 7.85
C SER B 230 4.14 29.20 7.02
N ALA B 231 4.41 29.09 5.73
CA ALA B 231 4.31 30.23 4.83
C ALA B 231 3.11 29.96 3.92
N PRO B 232 2.21 30.93 3.84
CA PRO B 232 1.03 30.79 2.99
C PRO B 232 1.44 30.72 1.54
N MET B 233 0.63 30.11 0.68
CA MET B 233 0.94 30.10 -0.75
C MET B 233 0.91 31.53 -1.27
N GLY B 234 -0.06 32.31 -0.81
CA GLY B 234 -0.06 33.75 -1.01
C GLY B 234 -0.53 34.27 -2.35
N TYR B 235 -1.00 33.36 -3.20
CA TYR B 235 -1.49 33.77 -4.52
C TYR B 235 -2.84 34.45 -4.39
N ALA B 236 -3.19 35.23 -5.42
CA ALA B 236 -4.51 35.80 -5.50
C ALA B 236 -5.45 34.68 -5.93
N TRP B 237 -6.21 34.13 -4.99
CA TRP B 237 -7.08 33.00 -5.27
C TRP B 237 -8.45 33.46 -5.80
N PRO B 238 -9.16 32.56 -6.50
CA PRO B 238 -10.53 32.85 -6.97
C PRO B 238 -11.50 33.06 -5.80
N ASP B 239 -12.68 33.57 -6.12
CA ASP B 239 -13.63 34.00 -5.10
C ASP B 239 -14.14 32.91 -4.16
N ASN B 240 -14.11 31.65 -4.62
CA ASN B 240 -14.55 30.56 -3.77
C ASN B 240 -13.42 29.84 -3.04
N TRP B 241 -12.22 30.41 -3.10
CA TRP B 241 -11.03 29.80 -2.52
C TRP B 241 -10.47 30.70 -1.42
N GLU B 242 -10.39 30.16 -0.21
CA GLU B 242 -9.85 30.90 0.93
C GLU B 242 -8.62 30.18 1.47
N GLU B 243 -7.64 30.93 1.98
CA GLU B 243 -6.43 30.32 2.53
C GLU B 243 -6.29 30.58 4.03
N LYS B 244 -6.26 29.50 4.79
CA LYS B 244 -6.28 29.57 6.25
C LYS B 244 -4.96 29.11 6.89
N PRO B 245 -4.68 29.58 8.11
CA PRO B 245 -3.54 29.11 8.90
C PRO B 245 -3.72 27.66 9.37
N ALA B 246 -2.84 27.19 10.23
CA ALA B 246 -2.75 25.76 10.58
C ALA B 246 -4.08 25.13 11.01
N LEU B 247 -4.31 23.88 10.61
CA LEU B 247 -5.47 23.15 11.12
C LEU B 247 -5.21 22.77 12.57
N GLU B 248 -6.21 22.91 13.41
CA GLU B 248 -6.06 22.49 14.80
C GLU B 248 -6.69 21.12 15.00
N LYS B 249 -7.94 21.00 14.59
CA LYS B 249 -8.69 19.77 14.77
C LYS B 249 -9.92 19.78 13.88
N LEU B 250 -10.57 18.64 13.74
CA LEU B 250 -11.90 18.57 13.18
C LEU B 250 -12.86 18.13 14.28
N THR B 251 -14.05 18.69 14.28
CA THR B 251 -15.15 18.21 15.11
C THR B 251 -16.36 18.04 14.22
N GLY B 252 -16.75 16.79 14.00
CA GLY B 252 -17.74 16.49 12.99
C GLY B 252 -17.15 16.88 11.65
N LYS B 253 -17.89 17.67 10.88
CA LYS B 253 -17.37 18.17 9.62
C LYS B 253 -16.82 19.59 9.80
N THR B 254 -16.60 19.97 11.05
CA THR B 254 -16.12 21.32 11.35
C THR B 254 -14.60 21.38 11.54
N ALA B 255 -13.93 22.05 10.62
CA ALA B 255 -12.48 22.28 10.73
C ALA B 255 -12.23 23.53 11.57
N HIS B 256 -11.35 23.41 12.56
CA HIS B 256 -10.97 24.57 13.39
C HIS B 256 -9.53 24.98 13.08
N PHE B 257 -9.31 26.26 12.84
CA PHE B 257 -7.98 26.74 12.49
C PHE B 257 -7.36 27.58 13.59
N ALA B 258 -6.04 27.74 13.52
CA ALA B 258 -5.28 28.34 14.63
C ALA B 258 -5.62 29.81 14.88
N ASP B 259 -6.21 30.46 13.89
CA ASP B 259 -6.65 31.85 14.08
C ASP B 259 -8.04 31.90 14.70
N GLY B 260 -8.57 30.74 15.07
CA GLY B 260 -9.86 30.66 15.73
C GLY B 260 -11.05 30.58 14.79
N SER B 261 -10.80 30.70 13.50
CA SER B 261 -11.87 30.62 12.52
C SER B 261 -12.29 29.16 12.29
N THR B 262 -13.39 28.98 11.58
CA THR B 262 -14.01 27.68 11.40
C THR B 262 -14.55 27.51 9.98
N ARG B 263 -14.60 26.28 9.51
CA ARG B 263 -15.17 26.00 8.21
C ARG B 263 -15.68 24.57 8.17
N ASP B 264 -16.92 24.39 7.73
CA ASP B 264 -17.46 23.06 7.50
C ASP B 264 -17.02 22.58 6.11
N VAL B 265 -16.47 21.36 6.06
CA VAL B 265 -16.00 20.83 4.79
C VAL B 265 -16.48 19.40 4.56
N ASP B 266 -16.58 19.04 3.29
CA ASP B 266 -17.09 17.75 2.86
C ASP B 266 -15.98 16.73 2.67
N ALA B 267 -14.80 17.21 2.34
CA ALA B 267 -13.67 16.33 2.04
C ALA B 267 -12.35 17.01 2.38
N ILE B 268 -11.34 16.20 2.68
CA ILE B 268 -10.02 16.70 3.02
C ILE B 268 -8.96 16.02 2.14
N ILE B 269 -8.20 16.81 1.39
CA ILE B 269 -7.15 16.26 0.57
C ILE B 269 -5.81 16.68 1.15
N LEU B 270 -5.06 15.69 1.63
CA LEU B 270 -3.78 15.92 2.29
C LEU B 270 -2.64 16.05 1.28
N CYS B 271 -2.21 17.28 1.01
CA CYS B 271 -1.12 17.51 0.08
C CYS B 271 0.15 17.79 0.92
N THR B 272 0.44 16.83 1.79
CA THR B 272 1.41 16.96 2.86
C THR B 272 2.76 16.33 2.48
N GLY B 273 2.91 16.05 1.19
CA GLY B 273 4.18 15.59 0.66
C GLY B 273 4.50 14.14 0.92
N TYR B 274 5.76 13.78 0.69
CA TYR B 274 6.17 12.38 0.67
C TYR B 274 7.44 12.18 1.47
N LYS B 275 7.76 10.92 1.78
CA LYS B 275 9.07 10.72 2.35
C LYS B 275 9.98 9.97 1.42
N HIS B 276 11.28 10.08 1.67
CA HIS B 276 12.24 9.19 1.07
C HIS B 276 12.13 7.88 1.82
N PHE B 277 11.65 6.84 1.14
CA PHE B 277 11.40 5.56 1.79
C PHE B 277 11.84 4.44 0.89
N PHE B 278 12.72 3.57 1.41
CA PHE B 278 13.19 2.42 0.66
C PHE B 278 12.93 1.16 1.49
N SER B 279 11.86 0.46 1.14
CA SER B 279 11.49 -0.75 1.87
C SER B 279 12.48 -1.88 1.61
N PHE B 280 13.42 -1.68 0.69
CA PHE B 280 14.23 -2.81 0.21
C PHE B 280 15.72 -2.70 0.52
N LEU B 281 16.07 -1.84 1.47
CA LEU B 281 17.51 -1.61 1.74
C LEU B 281 17.84 -1.73 3.23
N PRO B 282 19.00 -2.32 3.55
CA PRO B 282 19.54 -2.39 4.91
C PRO B 282 20.15 -1.05 5.35
N ASP B 283 20.50 -0.93 6.63
CA ASP B 283 20.98 0.33 7.15
C ASP B 283 22.21 0.86 6.41
N ASP B 284 23.11 -0.03 6.05
CA ASP B 284 24.38 0.41 5.52
C ASP B 284 24.31 0.83 4.05
N LEU B 285 23.15 0.65 3.43
CA LEU B 285 22.94 1.14 2.06
C LEU B 285 21.81 2.14 1.91
N ARG B 286 21.02 2.35 2.97
CA ARG B 286 19.75 3.06 2.85
C ARG B 286 19.88 4.57 3.06
N LEU B 287 19.64 5.32 1.99
CA LEU B 287 19.70 6.77 1.99
C LEU B 287 18.66 7.34 2.95
N LYS B 288 19.12 8.20 3.86
CA LYS B 288 18.23 8.92 4.76
C LYS B 288 18.46 10.41 4.55
N THR B 289 17.43 11.11 4.08
CA THR B 289 17.61 12.52 3.74
C THR B 289 16.29 13.28 3.82
N ALA B 290 16.40 14.59 4.00
CA ALA B 290 15.26 15.48 3.78
C ALA B 290 15.07 15.68 2.28
N ASN B 291 13.89 16.15 1.89
CA ASN B 291 13.63 16.52 0.50
C ASN B 291 14.13 17.95 0.26
N ARG B 292 15.26 18.09 -0.43
CA ARG B 292 15.82 19.44 -0.60
C ARG B 292 16.79 19.43 -1.78
N LEU B 293 17.45 20.55 -2.05
CA LEU B 293 18.33 20.60 -3.21
C LEU B 293 19.71 19.95 -3.00
N ALA B 294 20.19 19.90 -1.75
CA ALA B 294 21.43 19.22 -1.41
C ALA B 294 21.12 17.95 -0.61
N THR B 295 21.19 16.80 -1.26
CA THR B 295 20.76 15.54 -0.64
C THR B 295 21.81 14.95 0.28
N ALA B 296 21.36 14.51 1.46
CA ALA B 296 22.27 13.98 2.46
C ALA B 296 23.04 12.80 1.90
N ASP B 297 24.32 12.69 2.27
CA ASP B 297 25.08 11.46 2.04
C ASP B 297 25.29 11.03 0.59
N LEU B 298 25.14 11.94 -0.36
CA LEU B 298 25.39 11.66 -1.77
C LEU B 298 26.48 12.57 -2.34
N TYR B 299 27.66 11.99 -2.56
CA TYR B 299 28.77 12.71 -3.16
C TYR B 299 28.33 13.11 -4.57
N LYS B 300 28.55 14.38 -4.90
CA LYS B 300 28.10 14.93 -6.18
C LYS B 300 26.60 14.70 -6.41
N GLY B 301 25.88 14.52 -5.31
CA GLY B 301 24.45 14.29 -5.37
C GLY B 301 24.06 12.92 -5.93
N VAL B 302 25.02 11.99 -6.06
CA VAL B 302 24.72 10.70 -6.65
C VAL B 302 25.40 9.47 -6.03
N ALA B 303 26.60 9.61 -5.49
CA ALA B 303 27.33 8.43 -5.01
C ALA B 303 27.19 8.28 -3.49
N TYR B 304 26.71 7.13 -3.02
CA TYR B 304 26.44 6.96 -1.59
C TYR B 304 27.74 6.96 -0.79
N VAL B 305 27.87 7.91 0.14
CA VAL B 305 29.17 8.13 0.81
C VAL B 305 29.67 6.91 1.61
N HIS B 306 28.74 6.09 2.12
CA HIS B 306 29.18 4.89 2.84
C HIS B 306 29.46 3.66 1.98
N ASN B 307 29.10 3.72 0.70
CA ASN B 307 29.46 2.66 -0.24
C ASN B 307 29.30 3.22 -1.62
N PRO B 308 30.36 3.84 -2.14
CA PRO B 308 30.30 4.63 -3.37
C PRO B 308 30.11 3.77 -4.61
N ALA B 309 30.03 2.45 -4.46
CA ALA B 309 29.62 1.58 -5.56
C ALA B 309 28.10 1.53 -5.69
N MET B 310 27.41 2.11 -4.71
CA MET B 310 25.98 2.31 -4.80
C MET B 310 25.67 3.75 -5.13
N PHE B 311 24.80 3.96 -6.10
CA PHE B 311 24.43 5.31 -6.54
C PHE B 311 22.94 5.53 -6.39
N TYR B 312 22.55 6.79 -6.30
CA TYR B 312 21.14 7.20 -6.28
C TYR B 312 20.91 8.30 -7.31
N LEU B 313 19.81 8.23 -8.04
CA LEU B 313 19.46 9.24 -9.03
C LEU B 313 18.15 9.93 -8.62
N GLY B 314 18.09 11.23 -8.88
CA GLY B 314 16.87 11.98 -8.74
C GLY B 314 16.31 12.14 -7.35
N MET B 315 17.15 11.99 -6.33
CA MET B 315 16.66 12.01 -4.96
C MET B 315 16.54 13.43 -4.40
N GLN B 316 17.04 14.41 -5.16
CA GLN B 316 16.86 15.81 -4.84
C GLN B 316 15.42 16.26 -5.10
N ASP B 317 15.01 17.31 -4.39
CA ASP B 317 13.81 18.03 -4.74
C ASP B 317 14.08 18.67 -6.10
N GLN B 318 13.04 19.02 -6.83
CA GLN B 318 13.21 19.28 -8.25
C GLN B 318 12.63 20.60 -8.68
N TRP B 319 13.49 21.45 -9.25
CA TRP B 319 13.10 22.58 -10.06
C TRP B 319 13.35 22.12 -11.46
N PHE B 320 14.59 21.68 -11.69
CA PHE B 320 14.96 20.99 -12.92
C PHE B 320 14.60 19.52 -12.73
N THR B 321 14.33 18.81 -13.82
CA THR B 321 13.99 17.40 -13.73
C THR B 321 14.63 16.44 -14.74
N PHE B 322 14.10 16.44 -15.95
CA PHE B 322 14.59 15.56 -17.00
C PHE B 322 16.09 15.69 -17.29
N ASN B 323 16.56 16.90 -17.56
CA ASN B 323 17.97 17.05 -17.94
C ASN B 323 18.91 16.99 -16.75
N MET B 324 18.38 17.24 -15.55
CA MET B 324 19.15 16.96 -14.34
C MET B 324 19.37 15.45 -14.17
N PHE B 325 18.32 14.66 -14.33
CA PHE B 325 18.48 13.21 -14.28
C PHE B 325 19.51 12.73 -15.30
N ASP B 326 19.47 13.27 -16.52
CA ASP B 326 20.47 12.92 -17.53
C ASP B 326 21.89 13.22 -17.03
N ALA B 327 22.09 14.43 -16.52
CA ALA B 327 23.41 14.86 -16.06
C ALA B 327 23.93 13.89 -15.02
N GLN B 328 23.07 13.53 -14.07
CA GLN B 328 23.42 12.54 -13.06
C GLN B 328 23.73 11.18 -13.70
N ALA B 329 22.86 10.72 -14.60
CA ALA B 329 23.01 9.40 -15.22
C ALA B 329 24.33 9.28 -15.99
N TRP B 330 24.67 10.31 -16.75
CA TRP B 330 25.95 10.31 -17.46
C TRP B 330 27.12 10.27 -16.47
N TRP B 331 26.98 11.02 -15.37
CA TRP B 331 28.05 11.12 -14.38
C TRP B 331 28.25 9.75 -13.68
N VAL B 332 27.17 9.17 -13.20
CA VAL B 332 27.21 7.83 -12.62
C VAL B 332 27.83 6.80 -13.59
N ARG B 333 27.38 6.83 -14.84
CA ARG B 333 27.93 5.94 -15.86
C ARG B 333 29.45 6.10 -15.93
N ASP B 334 29.91 7.34 -16.03
CA ASP B 334 31.34 7.59 -16.18
C ASP B 334 32.14 7.09 -14.98
N ALA B 335 31.59 7.23 -13.78
CA ALA B 335 32.21 6.69 -12.57
C ALA B 335 32.36 5.17 -12.65
N ILE B 336 31.32 4.50 -13.13
CA ILE B 336 31.35 3.06 -13.26
C ILE B 336 32.32 2.63 -14.34
N LEU B 337 32.35 3.36 -15.45
CA LEU B 337 33.25 3.02 -16.58
C LEU B 337 34.72 3.36 -16.29
N GLY B 338 34.95 4.22 -15.32
CA GLY B 338 36.30 4.65 -15.01
C GLY B 338 36.71 5.95 -15.67
N ARG B 339 35.79 6.63 -16.35
CA ARG B 339 36.09 7.95 -16.92
C ARG B 339 36.17 9.00 -15.81
N ILE B 340 35.64 8.62 -14.66
CA ILE B 340 35.65 9.43 -13.46
C ILE B 340 36.14 8.53 -12.35
N THR B 341 36.99 9.06 -11.49
CA THR B 341 37.52 8.29 -10.37
C THR B 341 37.07 8.95 -9.08
N LEU B 342 36.36 8.18 -8.24
CA LEU B 342 35.87 8.66 -6.96
C LEU B 342 36.99 8.73 -5.92
N PRO B 343 36.89 9.69 -5.00
CA PRO B 343 37.85 9.78 -3.89
C PRO B 343 37.88 8.49 -3.09
N LYS B 344 39.04 8.12 -2.57
CA LYS B 344 39.15 6.99 -1.66
C LYS B 344 39.06 7.50 -0.22
N ASP B 345 38.80 8.78 -0.09
CA ASP B 345 38.78 9.44 1.20
C ASP B 345 37.35 9.81 1.60
N LYS B 346 36.73 9.05 2.50
CA LYS B 346 35.33 9.33 2.86
C LYS B 346 35.15 10.76 3.35
N ALA B 347 36.15 11.27 4.08
CA ALA B 347 36.06 12.63 4.60
C ALA B 347 35.89 13.64 3.47
N ALA B 348 36.54 13.40 2.35
CA ALA B 348 36.37 14.32 1.22
C ALA B 348 34.95 14.22 0.65
N MET B 349 34.39 13.02 0.65
CA MET B 349 33.03 12.84 0.14
C MET B 349 32.03 13.53 1.03
N LEU B 350 32.23 13.41 2.35
CA LEU B 350 31.34 14.07 3.30
C LEU B 350 31.45 15.59 3.20
N ALA B 351 32.65 16.09 2.90
CA ALA B 351 32.86 17.53 2.81
C ALA B 351 32.16 18.12 1.60
N ASP B 352 32.10 17.34 0.52
CA ASP B 352 31.40 17.72 -0.70
C ASP B 352 29.94 17.94 -0.38
N VAL B 353 29.37 17.05 0.40
CA VAL B 353 27.96 17.15 0.75
C VAL B 353 27.72 18.36 1.65
N ALA B 354 28.59 18.53 2.65
CA ALA B 354 28.44 19.64 3.59
C ALA B 354 28.48 20.99 2.86
N GLU B 355 29.37 21.11 1.88
CA GLU B 355 29.46 22.35 1.10
C GLU B 355 28.16 22.63 0.35
N ARG B 356 27.60 21.58 -0.25
CA ARG B 356 26.35 21.70 -0.97
C ARG B 356 25.23 22.16 -0.06
N GLU B 357 25.16 21.57 1.13
CA GLU B 357 24.12 21.95 2.09
C GLU B 357 24.22 23.40 2.52
N THR B 358 25.43 23.81 2.91
CA THR B 358 25.67 25.16 3.40
C THR B 358 25.32 26.16 2.30
N ARG B 359 25.70 25.83 1.07
CA ARG B 359 25.44 26.74 -0.05
C ARG B 359 23.96 26.85 -0.37
N GLU B 360 23.22 25.74 -0.26
CA GLU B 360 21.77 25.77 -0.45
C GLU B 360 21.12 26.69 0.57
N GLU B 361 21.60 26.62 1.81
CA GLU B 361 20.99 27.32 2.93
C GLU B 361 21.37 28.79 3.05
N ALA B 362 22.23 29.27 2.17
CA ALA B 362 22.81 30.61 2.32
C ALA B 362 21.80 31.70 2.02
N SER B 363 20.74 31.32 1.31
CA SER B 363 19.64 32.22 1.00
C SER B 363 18.36 31.42 0.86
N ASP B 364 17.24 32.03 1.21
CA ASP B 364 15.95 31.34 1.12
C ASP B 364 15.14 31.85 -0.06
N ASP B 365 15.76 32.70 -0.87
CA ASP B 365 15.14 33.26 -2.07
C ASP B 365 14.87 32.22 -3.15
N VAL B 366 13.68 32.28 -3.73
CA VAL B 366 13.27 31.27 -4.71
C VAL B 366 14.15 31.28 -5.96
N LYS B 367 14.53 32.45 -6.46
CA LYS B 367 15.38 32.51 -7.64
C LYS B 367 16.78 31.98 -7.34
N TYR B 368 17.23 32.20 -6.11
CA TYR B 368 18.52 31.66 -5.68
C TYR B 368 18.48 30.14 -5.70
N ALA B 369 17.35 29.57 -5.30
CA ALA B 369 17.20 28.11 -5.28
C ALA B 369 17.24 27.53 -6.69
N ILE B 370 16.54 28.19 -7.60
CA ILE B 370 16.53 27.77 -9.00
C ILE B 370 17.93 27.81 -9.61
N ARG B 371 18.64 28.93 -9.41
CA ARG B 371 20.02 29.08 -9.87
C ARG B 371 20.96 28.05 -9.24
N TYR B 372 20.69 27.68 -7.98
CA TYR B 372 21.51 26.68 -7.28
C TYR B 372 21.45 25.33 -7.96
N GLN B 373 20.25 24.90 -8.31
CA GLN B 373 20.12 23.62 -8.98
C GLN B 373 20.64 23.72 -10.42
N ALA B 374 20.45 24.89 -11.03
CA ALA B 374 21.01 25.13 -12.34
C ALA B 374 22.52 24.93 -12.27
N ASP B 375 23.14 25.47 -11.23
CA ASP B 375 24.58 25.35 -11.04
C ASP B 375 25.01 23.89 -10.87
N TYR B 376 24.17 23.12 -10.18
CA TYR B 376 24.42 21.70 -9.99
C TYR B 376 24.43 20.96 -11.34
N VAL B 377 23.41 21.20 -12.16
CA VAL B 377 23.36 20.57 -13.47
C VAL B 377 24.59 20.99 -14.28
N LYS B 378 24.89 22.27 -14.26
CA LYS B 378 26.06 22.79 -14.97
C LYS B 378 27.31 22.05 -14.52
N GLU B 379 27.44 21.86 -13.21
CA GLU B 379 28.58 21.17 -12.64
C GLU B 379 28.72 19.75 -13.18
N LEU B 380 27.62 19.00 -13.18
CA LEU B 380 27.66 17.61 -13.63
C LEU B 380 27.94 17.50 -15.13
N VAL B 381 27.27 18.32 -15.93
CA VAL B 381 27.42 18.30 -17.38
C VAL B 381 28.87 18.62 -17.78
N ALA B 382 29.52 19.52 -17.03
CA ALA B 382 30.90 19.87 -17.32
C ALA B 382 31.86 18.68 -17.19
N GLU B 383 31.42 17.63 -16.50
CA GLU B 383 32.31 16.55 -16.09
C GLU B 383 32.12 15.24 -16.85
N THR B 384 31.25 15.27 -17.86
CA THR B 384 31.04 14.11 -18.74
C THR B 384 30.86 14.61 -20.17
N ASP B 385 30.73 13.67 -21.11
CA ASP B 385 30.50 14.06 -22.50
C ASP B 385 29.04 14.31 -22.81
N TYR B 386 28.21 14.49 -21.78
CA TYR B 386 26.83 14.92 -22.01
C TYR B 386 26.88 16.29 -22.66
N PRO B 387 26.06 16.50 -23.69
CA PRO B 387 26.06 17.74 -24.48
C PRO B 387 25.75 18.98 -23.63
N SER B 388 26.65 19.95 -23.62
CA SER B 388 26.34 21.23 -22.99
C SER B 388 25.05 21.77 -23.62
N PHE B 389 24.23 22.42 -22.81
CA PHE B 389 23.04 23.09 -23.34
C PHE B 389 22.87 24.39 -22.60
N ASP B 390 21.94 25.23 -23.05
CA ASP B 390 21.82 26.56 -22.48
C ASP B 390 21.08 26.56 -21.15
N ILE B 391 21.80 26.18 -20.09
CA ILE B 391 21.23 26.12 -18.75
C ILE B 391 20.71 27.48 -18.30
N ASP B 392 21.43 28.55 -18.66
CA ASP B 392 20.97 29.91 -18.33
C ASP B 392 19.59 30.18 -18.91
N GLY B 393 19.36 29.74 -20.14
CA GLY B 393 18.06 29.90 -20.77
C GLY B 393 16.97 29.13 -20.04
N ALA B 394 17.29 27.92 -19.60
CA ALA B 394 16.35 27.13 -18.82
C ALA B 394 15.95 27.91 -17.58
N CYS B 395 16.94 28.49 -16.92
CA CYS B 395 16.68 29.34 -15.76
C CYS B 395 15.72 30.47 -16.06
N ASP B 396 15.99 31.19 -17.14
CA ASP B 396 15.17 32.33 -17.50
C ASP B 396 13.71 31.88 -17.66
N ALA B 397 13.52 30.70 -18.24
CA ALA B 397 12.18 30.13 -18.38
C ALA B 397 11.52 29.96 -17.02
N PHE B 398 12.21 29.28 -16.09
CA PHE B 398 11.68 29.12 -14.74
C PHE B 398 11.41 30.48 -14.09
N PHE B 399 12.26 31.46 -14.38
CA PHE B 399 12.07 32.80 -13.84
C PHE B 399 10.76 33.43 -14.34
N GLU B 400 10.50 33.32 -15.63
CA GLU B 400 9.27 33.86 -16.22
C GLU B 400 8.04 33.10 -15.72
N TRP B 401 8.18 31.78 -15.64
CA TRP B 401 7.13 30.93 -15.10
C TRP B 401 6.75 31.38 -13.68
N LYS B 402 7.75 31.63 -12.84
CA LYS B 402 7.48 32.09 -11.48
C LYS B 402 6.72 33.42 -11.45
N LYS B 403 7.06 34.33 -12.35
CA LYS B 403 6.35 35.61 -12.47
C LYS B 403 4.91 35.39 -12.91
N HIS B 404 4.72 34.55 -13.92
CA HIS B 404 3.38 34.24 -14.44
C HIS B 404 2.50 33.68 -13.34
N LYS B 405 3.05 32.79 -12.52
CA LYS B 405 2.27 32.21 -11.43
C LYS B 405 1.87 33.30 -10.42
N ALA B 406 2.82 34.15 -10.06
CA ALA B 406 2.52 35.23 -9.11
C ALA B 406 1.46 36.16 -9.67
N LYS B 407 1.44 36.32 -10.99
CA LYS B 407 0.49 37.19 -11.67
C LYS B 407 -0.94 36.61 -11.65
N ASP B 408 -1.09 35.40 -12.17
CA ASP B 408 -2.38 34.75 -12.16
C ASP B 408 -2.22 33.24 -11.97
N ILE B 409 -2.49 32.77 -10.76
CA ILE B 409 -2.23 31.39 -10.41
C ILE B 409 -3.07 30.41 -11.23
N MET B 410 -4.25 30.87 -11.63
CA MET B 410 -5.17 30.02 -12.39
C MET B 410 -4.92 30.01 -13.89
N ALA B 411 -4.16 30.97 -14.40
CA ALA B 411 -3.96 31.05 -15.85
C ALA B 411 -2.49 31.05 -16.30
N PHE B 412 -1.59 30.57 -15.45
CA PHE B 412 -0.17 30.62 -15.82
C PHE B 412 0.19 29.60 -16.91
N ARG B 413 -0.64 28.58 -17.06
CA ARG B 413 -0.38 27.58 -18.09
C ARG B 413 -0.74 28.10 -19.48
N ASP B 414 -1.38 29.27 -19.53
CA ASP B 414 -1.66 29.92 -20.80
C ASP B 414 -0.55 30.91 -21.14
N ASN B 415 0.64 30.38 -21.34
CA ASN B 415 1.81 31.19 -21.68
C ASN B 415 2.76 30.39 -22.54
N SER B 416 3.75 31.07 -23.10
CA SER B 416 4.75 30.41 -23.94
C SER B 416 6.16 30.84 -23.52
N TYR B 417 7.15 30.07 -23.94
CA TYR B 417 8.53 30.34 -23.56
C TYR B 417 9.50 30.05 -24.70
N LYS B 418 10.70 30.61 -24.60
CA LYS B 418 11.69 30.47 -25.66
C LYS B 418 12.34 29.09 -25.68
N SER B 419 12.22 28.41 -26.82
CA SER B 419 12.91 27.14 -27.02
C SER B 419 14.40 27.32 -26.73
N VAL B 420 14.93 26.50 -25.82
CA VAL B 420 16.32 26.62 -25.42
C VAL B 420 17.28 26.42 -26.60
N ILE B 421 16.78 25.81 -27.68
CA ILE B 421 17.63 25.55 -28.85
C ILE B 421 17.58 26.71 -29.85
N THR B 422 16.37 27.17 -30.18
CA THR B 422 16.22 28.27 -31.13
C THR B 422 16.28 29.64 -30.44
N GLY B 423 15.43 29.82 -29.44
CA GLY B 423 15.25 31.12 -28.80
C GLY B 423 13.90 31.66 -29.22
N THR B 424 13.21 30.87 -30.05
CA THR B 424 11.88 31.22 -30.53
C THR B 424 10.82 30.80 -29.53
N MET B 425 9.90 31.70 -29.21
CA MET B 425 8.80 31.40 -28.31
C MET B 425 7.92 30.28 -28.84
N ALA B 426 7.32 29.52 -27.94
CA ALA B 426 6.39 28.45 -28.31
C ALA B 426 5.04 29.04 -28.67
N PRO B 427 4.27 28.32 -29.50
CA PRO B 427 2.92 28.76 -29.89
C PRO B 427 1.94 28.65 -28.73
N VAL B 428 0.87 29.44 -28.77
CA VAL B 428 -0.16 29.37 -27.74
C VAL B 428 -1.06 28.17 -27.96
N HIS B 429 -1.47 27.51 -26.88
CA HIS B 429 -2.35 26.36 -27.03
C HIS B 429 -3.73 26.78 -27.54
N HIS B 430 -4.41 25.84 -28.21
CA HIS B 430 -5.66 26.11 -28.89
C HIS B 430 -6.85 26.27 -27.94
N THR B 431 -6.60 26.07 -26.65
CA THR B 431 -7.66 26.21 -25.64
C THR B 431 -7.10 26.66 -24.29
N PRO B 432 -7.72 27.68 -23.68
CA PRO B 432 -7.31 28.13 -22.36
C PRO B 432 -7.43 27.00 -21.34
N TRP B 433 -6.46 26.92 -20.43
CA TRP B 433 -6.40 25.80 -19.48
C TRP B 433 -7.71 25.54 -18.75
N LYS B 434 -8.34 26.59 -18.22
CA LYS B 434 -9.59 26.40 -17.49
C LYS B 434 -10.68 25.82 -18.39
N GLU B 435 -10.46 25.87 -19.70
CA GLU B 435 -11.46 25.42 -20.67
C GLU B 435 -11.13 24.06 -21.27
N ALA B 436 -9.87 23.67 -21.18
CA ALA B 436 -9.42 22.41 -21.76
C ALA B 436 -9.77 21.25 -20.84
N LEU B 437 -11.00 20.76 -20.95
CA LEU B 437 -11.47 19.67 -20.10
C LEU B 437 -11.05 18.31 -20.61
N ASP B 438 -10.37 18.27 -21.76
CA ASP B 438 -9.97 17.02 -22.37
C ASP B 438 -8.51 16.66 -22.12
N ASP B 439 -8.29 15.60 -21.34
CA ASP B 439 -6.96 15.10 -21.00
C ASP B 439 -6.17 14.61 -22.20
N SER B 440 -6.88 14.00 -23.14
CA SER B 440 -6.27 13.26 -24.24
C SER B 440 -5.12 13.98 -24.95
N MET B 441 -4.09 13.21 -25.29
CA MET B 441 -3.03 13.71 -26.16
C MET B 441 -3.67 14.06 -27.49
N GLU B 442 -4.80 13.42 -27.77
CA GLU B 442 -5.54 13.62 -29.02
C GLU B 442 -6.02 15.05 -29.18
N ALA B 443 -6.65 15.58 -28.15
CA ALA B 443 -7.13 16.97 -28.19
C ALA B 443 -5.96 17.93 -28.22
N TYR B 444 -5.01 17.73 -27.32
CA TYR B 444 -3.87 18.63 -27.21
C TYR B 444 -3.08 18.76 -28.51
N LEU B 445 -2.82 17.63 -29.17
CA LEU B 445 -2.04 17.63 -30.40
C LEU B 445 -2.90 17.83 -31.64
N GLN B 446 -4.21 17.71 -31.49
CA GLN B 446 -5.13 17.87 -32.61
C GLN B 446 -4.83 16.85 -33.72
PA NAP C . -14.19 -14.14 -0.01
O1A NAP C . -14.93 -14.90 1.07
O2A NAP C . -12.97 -14.75 -0.66
O5B NAP C . -15.23 -13.75 -1.17
C5B NAP C . -14.79 -13.11 -2.36
C4B NAP C . -15.98 -12.92 -3.29
O4B NAP C . -15.63 -12.04 -4.37
C3B NAP C . -16.40 -14.24 -3.92
O3B NAP C . -17.82 -14.39 -3.79
C2B NAP C . -16.02 -14.12 -5.38
O2B NAP C . -16.99 -14.75 -6.22
C1B NAP C . -15.96 -12.63 -5.63
N9A NAP C . -14.95 -12.32 -6.66
C8A NAP C . -13.64 -12.63 -6.61
N7A NAP C . -12.99 -12.20 -7.72
C5A NAP C . -13.90 -11.59 -8.51
C6A NAP C . -13.89 -10.91 -9.82
N6A NAP C . -12.75 -10.78 -10.53
N1A NAP C . -15.06 -10.41 -10.28
C2A NAP C . -16.20 -10.51 -9.58
N3A NAP C . -16.28 -11.12 -8.38
C4A NAP C . -15.18 -11.66 -7.80
O3 NAP C . -13.76 -12.71 0.59
PN NAP C . -14.72 -11.90 1.59
O1N NAP C . -16.16 -12.15 1.19
O2N NAP C . -14.21 -10.48 1.68
O5D NAP C . -14.45 -12.60 3.01
C5D NAP C . -13.22 -12.40 3.70
C4D NAP C . -13.40 -12.58 5.20
O4D NAP C . -13.73 -11.34 5.83
C3D NAP C . -14.52 -13.56 5.54
O3D NAP C . -13.98 -14.69 6.22
C2D NAP C . -15.46 -12.81 6.46
O2D NAP C . -15.75 -13.58 7.62
C1D NAP C . -14.72 -11.54 6.83
N1N NAP C . -15.65 -10.41 6.92
C2N NAP C . -16.35 -10.23 8.03
C3N NAP C . -17.24 -9.16 8.16
C7N NAP C . -18.02 -8.96 9.42
O7N NAP C . -19.16 -8.55 9.36
N7N NAP C . -17.45 -9.25 10.59
C4N NAP C . -17.39 -8.27 7.10
C5N NAP C . -16.64 -8.49 5.95
C6N NAP C . -15.78 -9.57 5.87
P2B NAP C . -16.68 -16.18 -6.89
O1X NAP C . -15.19 -16.12 -7.19
O2X NAP C . -17.07 -17.18 -5.83
O3X NAP C . -17.55 -16.20 -8.12
PA FAD D . -4.72 -11.27 11.14
O1A FAD D . -4.75 -10.65 9.77
O2A FAD D . -5.79 -10.93 12.15
O5B FAD D . -3.30 -10.95 11.80
C5B FAD D . -2.14 -10.78 11.00
C4B FAD D . -1.13 -9.91 11.72
O4B FAD D . 0.17 -10.06 11.16
C3B FAD D . -1.50 -8.44 11.62
O3B FAD D . -1.54 -7.86 12.93
C2B FAD D . -0.39 -7.81 10.83
O2B FAD D . -0.04 -6.52 11.35
C1B FAD D . 0.77 -8.78 10.98
N9A FAD D . 1.68 -8.75 9.82
C8A FAD D . 1.33 -8.90 8.52
N7A FAD D . 2.42 -8.82 7.71
C5A FAD D . 3.49 -8.62 8.49
C6A FAD D . 4.96 -8.45 8.29
N6A FAD D . 5.50 -8.47 7.05
N1A FAD D . 5.72 -8.26 9.39
C2A FAD D . 5.20 -8.23 10.63
N3A FAD D . 3.88 -8.38 10.88
C4A FAD D . 3.00 -8.58 9.88
N1 FAD D . -13.69 -13.66 12.33
C2 FAD D . -14.61 -13.84 13.31
O2 FAD D . -14.55 -14.87 14.02
N3 FAD D . -15.59 -12.94 13.55
C4 FAD D . -15.72 -11.82 12.84
O4 FAD D . -16.64 -11.01 13.09
C4X FAD D . -14.76 -11.56 11.76
N5 FAD D . -14.81 -10.44 10.99
C5X FAD D . -13.91 -10.22 10.01
C6 FAD D . -14.01 -9.07 9.24
C7 FAD D . -13.08 -8.84 8.22
C7M FAD D . -13.18 -7.60 7.39
C8 FAD D . -12.00 -9.83 7.96
C8M FAD D . -11.01 -9.58 6.86
C9 FAD D . -11.92 -10.99 8.72
C9A FAD D . -12.83 -11.22 9.74
N10 FAD D . -12.74 -12.38 10.53
C10 FAD D . -13.70 -12.57 11.54
C1' FAD D . -11.71 -13.40 10.29
C2' FAD D . -10.33 -12.92 10.76
O2' FAD D . -9.36 -13.35 9.80
C3' FAD D . -9.98 -13.51 12.12
O3' FAD D . -10.98 -13.13 13.06
C4' FAD D . -8.62 -13.03 12.62
O4' FAD D . -8.52 -11.61 12.48
C5' FAD D . -7.45 -13.70 11.89
O5' FAD D . -6.31 -13.63 12.74
P FAD D . -4.82 -13.88 12.20
O1P FAD D . -3.85 -13.46 13.28
O2P FAD D . -4.75 -15.29 11.65
O3P FAD D . -4.68 -12.87 10.96
PA NAP E . 6.26 19.01 -1.10
O1A NAP E . 6.75 19.91 -2.21
O2A NAP E . 7.25 18.31 -0.21
O5B NAP E . 5.26 19.87 -0.17
C5B NAP E . 4.65 19.27 0.97
C4B NAP E . 3.82 20.33 1.70
O4B NAP E . 3.03 19.73 2.73
C3B NAP E . 4.71 21.36 2.37
O3B NAP E . 4.28 22.67 1.99
C2B NAP E . 4.52 21.16 3.85
O2B NAP E . 4.48 22.41 4.54
C1B NAP E . 3.18 20.45 3.95
N9A NAP E . 3.17 19.52 5.12
C8A NAP E . 4.04 18.52 5.34
N7A NAP E . 3.74 17.88 6.51
C5A NAP E . 2.67 18.49 7.05
C6A NAP E . 1.84 18.32 8.26
N6A NAP E . 2.11 17.34 9.16
N1A NAP E . 0.80 19.17 8.45
C2A NAP E . 0.53 20.14 7.55
N3A NAP E . 1.23 20.36 6.43
C4A NAP E . 2.29 19.58 6.12
O3 NAP E . 5.28 17.90 -1.75
PN NAP E . 4.30 18.26 -2.97
O1N NAP E . 3.83 19.67 -2.81
O2N NAP E . 3.29 17.13 -3.08
O5D NAP E . 5.26 18.17 -4.25
C5D NAP E . 5.71 16.90 -4.74
C4D NAP E . 6.09 16.99 -6.22
O4D NAP E . 4.98 16.65 -7.05
C3D NAP E . 6.55 18.38 -6.62
O3D NAP E . 7.91 18.33 -7.05
C2D NAP E . 5.67 18.78 -7.80
O2D NAP E . 6.47 19.23 -8.89
C1D NAP E . 4.91 17.52 -8.18
N1N NAP E . 3.54 17.83 -8.55
C2N NAP E . 3.27 18.25 -9.79
C3N NAP E . 1.96 18.55 -10.18
C7N NAP E . 1.68 19.01 -11.58
O7N NAP E . 2.35 18.58 -12.50
N7N NAP E . 0.70 19.89 -11.77
C4N NAP E . 0.94 18.43 -9.26
C5N NAP E . 1.24 18.00 -7.97
C6N NAP E . 2.55 17.70 -7.64
P2B NAP E . 5.77 22.90 5.37
O1X NAP E . 6.50 21.61 5.72
O2X NAP E . 6.51 23.78 4.38
O3X NAP E . 5.19 23.63 6.55
PA FAD F . 9.90 8.16 -10.62
O1A FAD F . 9.06 8.07 -9.37
O2A FAD F . 9.35 8.81 -11.85
O5B FAD F . 10.39 6.67 -11.01
C5B FAD F . 10.54 5.66 -10.02
C4B FAD F . 10.37 4.30 -10.67
O4B FAD F . 11.00 3.29 -9.88
C3B FAD F . 8.90 3.92 -10.80
O3B FAD F . 8.62 3.57 -12.16
C2B FAD F . 8.71 2.71 -9.91
O2B FAD F . 7.86 1.75 -10.54
C1B FAD F . 10.13 2.16 -9.75
N9A FAD F . 10.29 1.49 -8.44
C8A FAD F . 10.03 2.02 -7.23
N7A FAD F . 10.30 1.12 -6.24
C5A FAD F . 10.73 0.00 -6.83
C6A FAD F . 11.19 -1.34 -6.38
N6A FAD F . 11.24 -1.66 -5.06
N1A FAD F . 11.56 -2.24 -7.32
C2A FAD F . 11.53 -1.94 -8.63
N3A FAD F . 11.13 -0.74 -9.11
C4A FAD F . 10.73 0.24 -8.27
N1 FAD F . 8.30 16.95 -13.11
C2 FAD F . 8.22 17.73 -14.21
O2 FAD F . 9.30 18.08 -14.77
N3 FAD F . 7.06 18.16 -14.72
C4 FAD F . 5.88 17.85 -14.18
O4 FAD F . 4.82 18.26 -14.69
C4X FAD F . 5.87 16.98 -12.97
N5 FAD F . 4.72 16.61 -12.37
C5X FAD F . 4.74 15.83 -11.27
C6 FAD F . 3.55 15.46 -10.67
C7 FAD F . 3.56 14.65 -9.53
C7M FAD F . 2.26 14.25 -8.89
C8 FAD F . 4.85 14.18 -8.97
C8M FAD F . 4.85 13.31 -7.74
C9 FAD F . 6.04 14.54 -9.57
C9A FAD F . 6.03 15.35 -10.70
N10 FAD F . 7.25 15.73 -11.33
C10 FAD F . 7.18 16.54 -12.46
C1' FAD F . 8.55 15.29 -10.80
C2' FAD F . 8.81 13.82 -11.08
O2' FAD F . 9.39 13.22 -9.92
C3' FAD F . 9.77 13.65 -12.26
O3' FAD F . 9.18 14.27 -13.42
C4' FAD F . 10.04 12.18 -12.56
O4' FAD F . 8.80 11.46 -12.54
C5' FAD F . 11.00 11.56 -11.56
O5' FAD F . 11.63 10.44 -12.18
P FAD F . 12.38 9.30 -11.32
O1P FAD F . 12.61 8.12 -12.23
O2P FAD F . 13.55 9.93 -10.61
O3P FAD F . 11.29 8.89 -10.22
#